data_9JMC
#
_entry.id   9JMC
#
_cell.length_a   1.00
_cell.length_b   1.00
_cell.length_c   1.00
_cell.angle_alpha   90.00
_cell.angle_beta   90.00
_cell.angle_gamma   90.00
#
_symmetry.space_group_name_H-M   'P 1'
#
loop_
_entity.id
_entity.type
_entity.pdbx_description
1 polymer 'Guanine nucleotide-binding protein G(q) subunit alpha'
2 polymer 'Guanine nucleotide-binding protein G(I)/G(S)/G(T) subunit beta-1'
3 polymer ScFv16
4 polymer 'Guanine nucleotide-binding protein G(I)/G(S)/G(O) subunit gamma-2'
5 polymer 'Motilin receptor'
6 non-polymer CHOLESTEROL
7 non-polymer 4-[3-(hydroxymethyl)phenoxy]-~{N}-methyl-~{N}-[3-methyl-4-[[(3~{S})-3-methylpiperazin-1-yl]methyl]phenyl]cyclohexane-1-carboxamide
8 water water
#
loop_
_entity_poly.entity_id
_entity_poly.type
_entity_poly.pdbx_seq_one_letter_code
_entity_poly.pdbx_strand_id
1 'polypeptide(L)'
;MGCTLSAEDKAAVERSKMIEKQLQKDKQVYRRTLRLLLLGADNSGKSTIVKQMRIYHVNGYSEEECKQYKAVVYSNTIQS
IIAIIRAMGRLKIDFGDSARADDARQLFVLAGAAEEGFMTAELAGVIKRLWKDSGVQACFNRSREYQLNDSAAYYLNDLD
RIAQPNYIPTQQDVLRTRVKTSGIFETKFQVDKVNFHMFDVGAQRDERRKWIQCFNDVTAIIFVVDSSDYNRLQEALNDF
KSIWNNRWLRTISVILFLNKQDLLAEKVLAGKSKIEDYFPEFARYTTPEDATPEPGEDPRVTRAKYFIRKEFVDISTASG
DGRHICYPHFTCSVDTENARRIFNDCKDIILQMNLREYNLV
;
A
2 'polypeptide(L)'
;MGSLLQSELDQLRQEAEQLKNQIRDARKACADATLSQITNNIDPVGRIQMRTRRTLRGHLAKIYAMHWGTDSRLLVSASQ
DGKLIIWDSYTTNKVHAIPLRSSWVMTCAYAPSGNYVACGGLDNICSIYNLKTREGNVRVSRELAGHTGYLSCCRFLDDN
QIVTSSGDTTCALWDIETGQQTTTFTGHTGDVMSLSLAPDTRLFVSGACDASAKLWDVREGMCRQTFTGHESDINAICFF
PNGNAFATGSDDATCRLFDLRADQELMTYSHDNIICGITSVSFSKSGRLLLAGYDDFNCNVWDALKADRAGVLAGHDNRV
SCLGVTDDGMAVATGSWDSFLKIWN
;
B
3 'polypeptide(L)'
;VQLVESGGGLVQPGGSRKLSCSASGFAFSSFGMHWVRQAPEKGLEWVAYISSGSGTIYYADTVKGRFTISRDDPKNTLFL
QMTSLRSEDTAMYYCVRSIYYYGSSPFDFWGQGTTLTVSAGGGGSGGGGSGGGGSADIVMTQATSSVPVTPGESVSISCR
SSKSLLHSNGNTYLYWFLQRPGQSPQLLIYRMSNLASGVPDRFSGSGSGTAFTLTISRLEAEDVGVYYCMQHLEYPLTFG
AGTKLEL
;
E
4 'polypeptide(L)' ASNNTASIAQARKLVEQLKMEANIDRIKVSKAAADLMAYCEAHAKEDPLLTPVPASENPFREKKFFCAIL G
5 'polypeptide(L)'
;MGSPWNGSDGPEGAREPPWPALPPCDERRCSPFPLGALVPVTAVCLCLFVVGVSGNVVTVMLIGRYRDMRTTTNLYLGSM
AVSDLLILLGLPFDLYRLWRSRPWVFGPLLCRLSLYVGEGCTYATLLHMTALSVERYLAICRPLRARVLVTRRRVRALIA
VLWAVALLSAGPFLFLVGVEQDPGISVVPGLNGTARIASSPLASSPPLWLSRAPPPSPPSGPETAEAAALFSRECRPSPA
QLGALRVMLWVTTAYFFLPFLCLSILYGLIGRELWSSRRPLRGPAASGRERGHRQTVRVLLVVVLAFIICWLPFHVGRII
YINTEDSRMMYFSQYFNIVALQLFYLSASINPILYNLISKKYRAAAFKLLLARKSRPRGFHRSRDTAGEVAGDTGGDTVG
YTETSANVKTMG
;
R
#
loop_
_chem_comp.id
_chem_comp.type
_chem_comp.name
_chem_comp.formula
A1L4H non-polymer 4-[3-(hydroxymethyl)phenoxy]-~{N}-methyl-~{N}-[3-methyl-4-[[(3~{S})-3-methylpiperazin-1-yl]methyl]phenyl]cyclohexane-1-carboxamide 'C28 H39 N3 O3'
CLR non-polymer CHOLESTEROL 'C27 H46 O'
#
# COMPACT_ATOMS: atom_id res chain seq x y z
N CYS A 3 26.74 4.98 -11.18
CA CYS A 3 26.32 4.15 -10.06
C CYS A 3 27.53 3.53 -9.35
N THR A 4 27.33 3.17 -8.08
CA THR A 4 28.35 2.49 -7.29
C THR A 4 27.99 1.05 -6.96
N LEU A 5 26.73 0.65 -7.15
CA LEU A 5 26.28 -0.67 -6.73
C LEU A 5 27.21 -1.76 -7.24
N SER A 6 27.56 -2.68 -6.34
CA SER A 6 28.37 -3.83 -6.69
C SER A 6 27.53 -4.85 -7.44
N ALA A 7 28.20 -5.84 -8.05
CA ALA A 7 27.50 -6.82 -8.87
C ALA A 7 26.32 -7.42 -8.11
N GLU A 8 26.54 -7.86 -6.89
CA GLU A 8 25.52 -8.53 -6.09
C GLU A 8 24.43 -7.58 -5.61
N ASP A 9 24.66 -6.27 -5.64
CA ASP A 9 23.60 -5.31 -5.36
C ASP A 9 22.73 -5.06 -6.57
N LYS A 10 23.34 -5.01 -7.75
CA LYS A 10 22.56 -4.80 -8.96
C LYS A 10 21.70 -6.01 -9.26
N ALA A 11 22.19 -7.21 -8.95
CA ALA A 11 21.33 -8.39 -9.09
C ALA A 11 20.13 -8.30 -8.17
N ALA A 12 20.33 -7.85 -6.92
CA ALA A 12 19.21 -7.68 -6.00
C ALA A 12 18.25 -6.61 -6.49
N VAL A 13 18.78 -5.53 -7.06
CA VAL A 13 17.92 -4.48 -7.63
C VAL A 13 17.10 -5.04 -8.78
N GLU A 14 17.71 -5.87 -9.62
CA GLU A 14 16.97 -6.50 -10.72
C GLU A 14 15.85 -7.38 -10.18
N ARG A 15 16.14 -8.15 -9.13
CA ARG A 15 15.09 -8.96 -8.51
C ARG A 15 13.99 -8.08 -7.95
N SER A 16 14.35 -6.94 -7.38
CA SER A 16 13.36 -6.01 -6.84
C SER A 16 12.46 -5.46 -7.95
N LYS A 17 13.04 -5.12 -9.10
CA LYS A 17 12.23 -4.63 -10.21
C LYS A 17 11.32 -5.72 -10.76
N MET A 18 11.82 -6.97 -10.81
CA MET A 18 10.97 -8.07 -11.21
C MET A 18 9.79 -8.23 -10.26
N ILE A 19 10.05 -8.12 -8.95
CA ILE A 19 8.98 -8.21 -7.97
C ILE A 19 8.01 -7.04 -8.13
N GLU A 20 8.52 -5.86 -8.48
CA GLU A 20 7.66 -4.72 -8.72
C GLU A 20 6.73 -4.97 -9.90
N LYS A 21 7.25 -5.54 -10.99
CA LYS A 21 6.42 -5.86 -12.14
C LYS A 21 5.39 -6.92 -11.78
N GLN A 22 5.78 -7.93 -10.99
CA GLN A 22 4.83 -8.94 -10.56
C GLN A 22 3.73 -8.33 -9.69
N LEU A 23 4.10 -7.38 -8.83
CA LEU A 23 3.10 -6.68 -8.02
C LEU A 23 2.16 -5.86 -8.89
N GLN A 24 2.69 -5.25 -9.96
CA GLN A 24 1.83 -4.54 -10.90
C GLN A 24 0.84 -5.50 -11.55
N LYS A 25 1.31 -6.69 -11.95
CA LYS A 25 0.40 -7.67 -12.54
C LYS A 25 -0.66 -8.11 -11.53
N ASP A 26 -0.25 -8.34 -10.28
CA ASP A 26 -1.21 -8.74 -9.26
C ASP A 26 -2.23 -7.64 -9.00
N LYS A 27 -1.79 -6.38 -9.03
CA LYS A 27 -2.73 -5.26 -8.89
C LYS A 27 -3.71 -5.23 -10.04
N GLN A 28 -3.22 -5.45 -11.26
CA GLN A 28 -4.11 -5.52 -12.42
C GLN A 28 -5.17 -6.61 -12.23
N VAL A 29 -4.75 -7.78 -11.75
CA VAL A 29 -5.69 -8.87 -11.51
C VAL A 29 -6.67 -8.49 -10.40
N TYR A 30 -6.19 -7.78 -9.38
CA TYR A 30 -6.99 -7.53 -8.18
C TYR A 30 -8.07 -6.49 -8.42
N ARG A 31 -7.74 -5.40 -9.12
CA ARG A 31 -8.66 -4.27 -9.20
C ARG A 31 -9.86 -4.54 -10.09
N ARG A 32 -9.75 -5.47 -11.05
CA ARG A 32 -10.84 -5.72 -11.98
C ARG A 32 -12.04 -6.39 -11.33
N THR A 33 -11.91 -6.88 -10.11
CA THR A 33 -12.98 -7.58 -9.41
C THR A 33 -13.61 -6.67 -8.35
N LEU A 34 -14.87 -6.95 -8.02
CA LEU A 34 -15.59 -6.21 -7.01
C LEU A 34 -15.77 -7.05 -5.75
N ARG A 35 -15.74 -6.37 -4.60
CA ARG A 35 -15.72 -7.02 -3.30
C ARG A 35 -17.08 -6.94 -2.62
N LEU A 36 -17.51 -8.07 -2.05
CA LEU A 36 -18.77 -8.16 -1.32
C LEU A 36 -18.54 -8.86 0.00
N LEU A 37 -19.04 -8.27 1.08
CA LEU A 37 -19.03 -8.87 2.40
C LEU A 37 -20.45 -9.30 2.72
N LEU A 38 -20.64 -10.59 2.98
CA LEU A 38 -21.97 -11.18 3.13
C LEU A 38 -22.19 -11.57 4.59
N LEU A 39 -23.29 -11.09 5.17
CA LEU A 39 -23.60 -11.32 6.57
C LEU A 39 -25.07 -11.71 6.74
N GLY A 40 -25.33 -12.37 7.86
CA GLY A 40 -26.68 -12.75 8.23
C GLY A 40 -26.64 -13.69 9.41
N ALA A 41 -27.81 -14.19 9.78
CA ALA A 41 -27.96 -15.04 10.95
C ALA A 41 -28.25 -16.48 10.54
N ASP A 42 -28.13 -17.39 11.52
CA ASP A 42 -28.38 -18.80 11.25
C ASP A 42 -29.81 -19.02 10.79
N ASN A 43 -30.78 -18.34 11.41
CA ASN A 43 -32.15 -18.42 10.94
C ASN A 43 -32.29 -17.84 9.55
N SER A 44 -31.43 -16.90 9.18
CA SER A 44 -31.42 -16.36 7.83
C SER A 44 -30.89 -17.40 6.85
N GLY A 45 -31.34 -17.29 5.60
CA GLY A 45 -30.94 -18.23 4.58
C GLY A 45 -29.58 -17.95 3.98
N LYS A 46 -28.60 -17.63 4.83
CA LYS A 46 -27.28 -17.28 4.34
C LYS A 46 -26.64 -18.43 3.58
N SER A 47 -26.59 -19.62 4.19
CA SER A 47 -25.84 -20.71 3.61
C SER A 47 -26.41 -21.13 2.25
N THR A 48 -27.74 -21.22 2.15
CA THR A 48 -28.34 -21.60 0.87
C THR A 48 -28.08 -20.53 -0.19
N ILE A 49 -28.13 -19.25 0.20
CA ILE A 49 -27.81 -18.19 -0.74
C ILE A 49 -26.39 -18.37 -1.28
N VAL A 50 -25.44 -18.65 -0.38
CA VAL A 50 -24.06 -18.83 -0.81
C VAL A 50 -23.94 -20.04 -1.72
N LYS A 51 -24.58 -21.16 -1.37
CA LYS A 51 -24.47 -22.37 -2.17
C LYS A 51 -25.04 -22.16 -3.57
N GLN A 52 -26.20 -21.50 -3.67
CA GLN A 52 -26.82 -21.30 -4.98
C GLN A 52 -25.95 -20.42 -5.86
N MET A 53 -25.34 -19.38 -5.27
CA MET A 53 -24.47 -18.50 -6.06
C MET A 53 -23.33 -19.27 -6.71
N ARG A 54 -22.84 -20.31 -6.05
CA ARG A 54 -21.79 -21.14 -6.64
C ARG A 54 -22.27 -21.81 -7.92
N ILE A 55 -23.48 -22.37 -7.90
CA ILE A 55 -24.01 -23.12 -9.03
C ILE A 55 -25.25 -22.42 -9.57
N THR A 181 -12.19 -24.95 10.75
CA THR A 181 -12.57 -23.88 11.67
C THR A 181 -12.12 -22.52 11.13
N SER A 182 -12.01 -22.43 9.80
CA SER A 182 -11.60 -21.18 9.19
C SER A 182 -12.60 -20.07 9.50
N GLY A 183 -12.08 -18.89 9.83
CA GLY A 183 -12.91 -17.75 10.13
C GLY A 183 -13.35 -16.94 8.94
N ILE A 184 -12.87 -17.26 7.74
CA ILE A 184 -13.22 -16.55 6.52
C ILE A 184 -13.50 -17.57 5.42
N PHE A 185 -14.60 -17.38 4.70
CA PHE A 185 -14.96 -18.22 3.56
C PHE A 185 -15.08 -17.35 2.33
N GLU A 186 -14.34 -17.70 1.28
CA GLU A 186 -14.30 -16.93 0.04
C GLU A 186 -15.06 -17.66 -1.05
N THR A 187 -15.75 -16.90 -1.90
CA THR A 187 -16.49 -17.46 -3.02
C THR A 187 -16.33 -16.54 -4.22
N LYS A 188 -15.81 -17.08 -5.31
CA LYS A 188 -15.72 -16.36 -6.58
C LYS A 188 -16.98 -16.58 -7.39
N PHE A 189 -17.47 -15.51 -8.01
CA PHE A 189 -18.52 -15.71 -9.02
C PHE A 189 -18.44 -14.62 -10.08
N GLN A 190 -18.69 -15.03 -11.32
CA GLN A 190 -18.61 -14.14 -12.48
C GLN A 190 -20.02 -13.81 -12.96
N VAL A 191 -20.28 -12.52 -13.12
CA VAL A 191 -21.56 -12.04 -13.65
C VAL A 191 -21.24 -11.02 -14.75
N ASP A 192 -21.76 -11.26 -15.95
CA ASP A 192 -21.57 -10.36 -17.08
C ASP A 192 -20.08 -10.08 -17.30
N LYS A 193 -19.27 -11.14 -17.21
CA LYS A 193 -17.82 -11.04 -17.42
C LYS A 193 -17.17 -10.12 -16.38
N VAL A 194 -17.72 -10.10 -15.16
CA VAL A 194 -17.18 -9.30 -14.07
C VAL A 194 -17.01 -10.21 -12.86
N ASN A 195 -15.83 -10.18 -12.25
CA ASN A 195 -15.50 -11.04 -11.13
C ASN A 195 -15.98 -10.42 -9.81
N PHE A 196 -16.49 -11.29 -8.93
CA PHE A 196 -17.01 -10.86 -7.64
C PHE A 196 -16.46 -11.76 -6.55
N HIS A 197 -15.76 -11.16 -5.59
CA HIS A 197 -15.45 -11.81 -4.32
C HIS A 197 -16.65 -11.74 -3.41
N MET A 198 -16.94 -12.84 -2.72
CA MET A 198 -17.96 -12.90 -1.69
C MET A 198 -17.32 -13.49 -0.44
N PHE A 199 -17.29 -12.71 0.64
CA PHE A 199 -16.60 -13.08 1.87
C PHE A 199 -17.59 -13.26 3.00
N ASP A 200 -17.56 -14.43 3.63
CA ASP A 200 -18.47 -14.78 4.72
C ASP A 200 -17.65 -15.05 5.97
N VAL A 201 -18.16 -14.58 7.11
CA VAL A 201 -17.53 -14.76 8.41
C VAL A 201 -18.48 -15.59 9.27
N GLY A 202 -18.14 -16.86 9.48
CA GLY A 202 -19.01 -17.76 10.22
C GLY A 202 -18.50 -18.17 11.59
N ALA A 203 -17.18 -18.39 11.70
CA ALA A 203 -16.61 -18.91 12.93
C ALA A 203 -16.17 -17.84 13.91
N GLN A 204 -16.20 -16.57 13.52
CA GLN A 204 -15.82 -15.49 14.43
C GLN A 204 -16.94 -15.19 15.41
N ARG A 205 -16.55 -14.83 16.62
CA ARG A 205 -17.51 -14.70 17.71
C ARG A 205 -18.56 -13.63 17.40
N ASP A 206 -19.58 -13.58 18.24
CA ASP A 206 -20.71 -12.68 18.01
C ASP A 206 -20.25 -11.22 17.91
N GLU A 207 -19.20 -10.86 18.64
CA GLU A 207 -18.70 -9.49 18.58
C GLU A 207 -18.33 -9.14 17.14
N ARG A 208 -18.76 -7.96 16.69
CA ARG A 208 -18.62 -7.56 15.30
C ARG A 208 -17.89 -6.25 15.09
N ARG A 209 -17.88 -5.35 16.08
CA ARG A 209 -17.30 -4.03 15.88
C ARG A 209 -15.80 -4.09 15.63
N LYS A 210 -15.13 -5.17 16.03
CA LYS A 210 -13.66 -5.23 15.93
C LYS A 210 -13.19 -5.77 14.58
N TRP A 211 -13.65 -6.96 14.21
CA TRP A 211 -13.18 -7.58 12.98
C TRP A 211 -13.84 -7.01 11.73
N ILE A 212 -14.82 -6.12 11.87
CA ILE A 212 -15.46 -5.53 10.71
C ILE A 212 -14.61 -4.44 10.07
N GLN A 213 -13.60 -3.93 10.78
CA GLN A 213 -12.74 -2.91 10.18
C GLN A 213 -11.95 -3.46 9.00
N CYS A 214 -11.64 -4.76 9.03
CA CYS A 214 -10.85 -5.36 7.96
C CYS A 214 -11.56 -5.25 6.61
N PHE A 215 -12.89 -5.28 6.62
CA PHE A 215 -13.67 -5.33 5.39
C PHE A 215 -14.02 -3.94 4.86
N ASN A 216 -13.23 -2.93 5.20
CA ASN A 216 -13.39 -1.63 4.58
C ASN A 216 -12.96 -1.71 3.11
N ASP A 217 -13.43 -0.74 2.32
CA ASP A 217 -13.16 -0.72 0.89
C ASP A 217 -13.70 -1.98 0.21
N VAL A 218 -14.86 -2.45 0.65
CA VAL A 218 -15.59 -3.51 -0.02
C VAL A 218 -16.74 -2.86 -0.77
N THR A 219 -16.94 -3.26 -2.02
CA THR A 219 -17.92 -2.58 -2.86
C THR A 219 -19.31 -2.66 -2.26
N ALA A 220 -19.68 -3.82 -1.73
CA ALA A 220 -21.03 -3.97 -1.19
C ALA A 220 -21.04 -4.87 0.05
N ILE A 221 -22.07 -4.68 0.86
CA ILE A 221 -22.32 -5.50 2.04
C ILE A 221 -23.70 -6.10 1.89
N ILE A 222 -23.76 -7.40 1.62
CA ILE A 222 -25.03 -8.11 1.45
C ILE A 222 -25.49 -8.59 2.82
N PHE A 223 -26.51 -7.94 3.36
CA PHE A 223 -27.10 -8.32 4.64
C PHE A 223 -28.38 -9.10 4.37
N VAL A 224 -28.43 -10.34 4.86
CA VAL A 224 -29.57 -11.23 4.66
C VAL A 224 -30.47 -11.14 5.89
N VAL A 225 -31.75 -10.91 5.67
CA VAL A 225 -32.74 -10.84 6.75
C VAL A 225 -33.83 -11.86 6.45
N ASP A 226 -34.18 -12.65 7.46
CA ASP A 226 -35.24 -13.66 7.36
C ASP A 226 -36.57 -12.95 7.49
N SER A 227 -37.17 -12.61 6.34
CA SER A 227 -38.45 -11.91 6.35
C SER A 227 -39.58 -12.80 6.88
N SER A 228 -39.41 -14.13 6.84
CA SER A 228 -40.44 -15.03 7.35
C SER A 228 -40.50 -15.06 8.86
N ASP A 229 -39.36 -14.87 9.52
CA ASP A 229 -39.30 -15.00 10.98
C ASP A 229 -39.74 -13.69 11.63
N TYR A 230 -40.79 -13.76 12.44
CA TYR A 230 -41.33 -12.60 13.13
C TYR A 230 -40.81 -12.44 14.55
N ASN A 231 -40.47 -13.54 15.22
CA ASN A 231 -40.08 -13.48 16.62
C ASN A 231 -38.80 -12.68 16.80
N ARG A 232 -37.79 -12.98 15.98
CA ARG A 232 -36.48 -12.36 16.10
C ARG A 232 -36.24 -11.29 15.05
N LEU A 233 -37.28 -10.86 14.33
CA LEU A 233 -37.12 -9.81 13.35
C LEU A 233 -36.61 -8.53 13.99
N GLN A 234 -36.98 -8.27 15.25
CA GLN A 234 -36.52 -7.06 15.93
C GLN A 234 -35.02 -7.07 16.11
N GLU A 235 -34.45 -8.24 16.44
CA GLU A 235 -33.01 -8.32 16.65
C GLU A 235 -32.25 -8.12 15.35
N ALA A 236 -32.76 -8.69 14.25
CA ALA A 236 -32.14 -8.45 12.95
C ALA A 236 -32.25 -6.98 12.55
N LEU A 237 -33.39 -6.36 12.86
CA LEU A 237 -33.55 -4.93 12.57
C LEU A 237 -32.53 -4.10 13.36
N ASN A 238 -32.34 -4.45 14.64
CA ASN A 238 -31.34 -3.75 15.44
C ASN A 238 -29.94 -3.97 14.90
N ASP A 239 -29.65 -5.18 14.45
CA ASP A 239 -28.34 -5.46 13.84
C ASP A 239 -28.14 -4.60 12.60
N PHE A 240 -29.16 -4.49 11.76
CA PHE A 240 -29.05 -3.64 10.58
C PHE A 240 -28.83 -2.18 10.99
N LYS A 241 -29.52 -1.73 12.03
CA LYS A 241 -29.26 -0.39 12.56
C LYS A 241 -27.80 -0.23 12.94
N SER A 242 -27.26 -1.20 13.67
CA SER A 242 -25.88 -1.10 14.14
C SER A 242 -24.90 -1.06 12.99
N ILE A 243 -25.10 -1.92 11.97
CA ILE A 243 -24.20 -1.92 10.82
C ILE A 243 -24.30 -0.60 10.08
N TRP A 244 -25.52 -0.08 9.90
CA TRP A 244 -25.68 1.18 9.18
C TRP A 244 -25.03 2.34 9.94
N ASN A 245 -25.14 2.34 11.26
CA ASN A 245 -24.54 3.39 12.07
C ASN A 245 -23.03 3.23 12.25
N ASN A 246 -22.46 2.15 11.73
CA ASN A 246 -21.02 1.95 11.84
C ASN A 246 -20.27 3.12 11.23
N ARG A 247 -19.29 3.64 11.98
CA ARG A 247 -18.49 4.75 11.46
C ARG A 247 -17.57 4.27 10.34
N TRP A 248 -17.02 3.06 10.47
CA TRP A 248 -16.16 2.53 9.43
C TRP A 248 -16.92 2.30 8.14
N LEU A 249 -18.11 1.70 8.23
CA LEU A 249 -18.92 1.39 7.06
C LEU A 249 -19.88 2.54 6.74
N ARG A 250 -19.35 3.76 6.65
CA ARG A 250 -20.15 4.93 6.38
C ARG A 250 -20.13 5.35 4.92
N THR A 251 -19.20 4.81 4.12
CA THR A 251 -19.13 5.10 2.69
C THR A 251 -19.21 3.83 1.87
N ILE A 252 -19.80 2.77 2.42
CA ILE A 252 -19.96 1.49 1.74
C ILE A 252 -21.45 1.19 1.62
N SER A 253 -21.85 0.68 0.46
CA SER A 253 -23.25 0.43 0.19
C SER A 253 -23.67 -0.93 0.74
N VAL A 254 -24.95 -1.03 1.12
CA VAL A 254 -25.52 -2.23 1.72
C VAL A 254 -26.68 -2.70 0.86
N ILE A 255 -26.69 -3.99 0.55
CA ILE A 255 -27.77 -4.63 -0.19
C ILE A 255 -28.54 -5.52 0.77
N LEU A 256 -29.81 -5.22 0.98
CA LEU A 256 -30.66 -5.99 1.87
C LEU A 256 -31.36 -7.09 1.07
N PHE A 257 -31.08 -8.34 1.42
CA PHE A 257 -31.72 -9.51 0.82
C PHE A 257 -32.71 -10.02 1.86
N LEU A 258 -33.98 -9.70 1.66
CA LEU A 258 -35.05 -10.20 2.54
C LEU A 258 -35.41 -11.60 2.08
N ASN A 259 -34.57 -12.55 2.48
CA ASN A 259 -34.69 -13.93 2.03
C ASN A 259 -35.94 -14.58 2.64
N LYS A 260 -36.19 -15.84 2.30
CA LYS A 260 -37.31 -16.60 2.86
C LYS A 260 -38.63 -15.91 2.55
N GLN A 261 -38.93 -15.79 1.26
CA GLN A 261 -40.14 -15.12 0.82
C GLN A 261 -41.32 -16.07 0.61
N ASP A 262 -41.08 -17.30 0.18
CA ASP A 262 -42.17 -18.28 0.13
C ASP A 262 -42.67 -18.62 1.52
N LEU A 263 -41.75 -18.86 2.47
CA LEU A 263 -42.18 -19.16 3.83
C LEU A 263 -42.95 -18.00 4.43
N LEU A 264 -42.48 -16.76 4.20
CA LEU A 264 -43.22 -15.60 4.66
C LEU A 264 -44.59 -15.54 4.01
N ALA A 265 -44.67 -15.86 2.72
CA ALA A 265 -45.96 -15.83 2.04
C ALA A 265 -46.95 -16.78 2.69
N GLU A 266 -46.50 -18.02 2.95
CA GLU A 266 -47.40 -18.99 3.60
C GLU A 266 -47.76 -18.53 5.00
N LYS A 267 -46.80 -18.00 5.76
CA LYS A 267 -47.09 -17.58 7.13
C LYS A 267 -48.12 -16.46 7.16
N VAL A 268 -48.01 -15.50 6.25
CA VAL A 268 -49.00 -14.41 6.20
C VAL A 268 -50.34 -14.94 5.72
N LEU A 269 -50.35 -15.81 4.71
CA LEU A 269 -51.60 -16.30 4.17
C LEU A 269 -52.38 -17.10 5.21
N ALA A 270 -51.69 -17.95 5.97
CA ALA A 270 -52.37 -18.78 6.96
C ALA A 270 -53.03 -17.92 8.04
N GLY A 271 -52.34 -16.88 8.50
CA GLY A 271 -52.84 -16.03 9.55
C GLY A 271 -52.54 -16.49 10.95
N LYS A 272 -51.83 -17.61 11.12
CA LYS A 272 -51.51 -18.08 12.46
C LYS A 272 -50.65 -17.07 13.22
N SER A 273 -49.64 -16.51 12.55
CA SER A 273 -48.75 -15.53 13.14
C SER A 273 -49.05 -14.17 12.53
N LYS A 274 -49.35 -13.18 13.37
CA LYS A 274 -49.71 -11.84 12.94
C LYS A 274 -48.59 -10.88 13.29
N ILE A 275 -48.22 -10.03 12.33
CA ILE A 275 -47.15 -9.06 12.55
C ILE A 275 -47.63 -7.90 13.43
N GLU A 276 -48.95 -7.75 13.59
CA GLU A 276 -49.46 -6.65 14.41
C GLU A 276 -48.99 -6.77 15.85
N ASP A 277 -49.01 -7.98 16.41
CA ASP A 277 -48.60 -8.17 17.80
C ASP A 277 -47.13 -7.77 17.99
N TYR A 278 -46.26 -8.22 17.09
CA TYR A 278 -44.84 -7.90 17.21
C TYR A 278 -44.59 -6.43 16.94
N PHE A 279 -45.23 -5.88 15.90
CA PHE A 279 -45.05 -4.48 15.51
C PHE A 279 -46.39 -3.77 15.60
N PRO A 280 -46.64 -2.99 16.66
CA PRO A 280 -47.96 -2.36 16.81
C PRO A 280 -48.31 -1.38 15.70
N GLU A 281 -47.31 -0.82 15.02
CA GLU A 281 -47.58 0.16 13.96
C GLU A 281 -47.97 -0.49 12.64
N PHE A 282 -47.90 -1.82 12.54
CA PHE A 282 -48.37 -2.49 11.34
C PHE A 282 -49.86 -2.29 11.13
N ALA A 283 -50.62 -2.21 12.22
CA ALA A 283 -52.05 -1.95 12.11
C ALA A 283 -52.33 -0.61 11.43
N ARG A 284 -51.56 0.42 11.80
CA ARG A 284 -51.73 1.73 11.18
C ARG A 284 -51.16 1.77 9.78
N TYR A 285 -50.14 0.96 9.51
CA TYR A 285 -49.50 0.98 8.20
C TYR A 285 -50.48 0.52 7.12
N THR A 286 -50.31 1.08 5.93
CA THR A 286 -51.19 0.82 4.80
C THR A 286 -50.36 0.42 3.59
N THR A 287 -51.00 -0.31 2.69
CA THR A 287 -50.35 -0.69 1.43
C THR A 287 -50.16 0.56 0.57
N PRO A 288 -48.95 0.87 0.13
CA PRO A 288 -48.77 2.09 -0.68
C PRO A 288 -49.57 2.03 -1.97
N GLU A 289 -50.13 3.18 -2.36
CA GLU A 289 -50.82 3.26 -3.65
C GLU A 289 -49.82 3.21 -4.80
N ASP A 290 -48.64 3.80 -4.62
CA ASP A 290 -47.59 3.73 -5.64
C ASP A 290 -46.97 2.35 -5.75
N ALA A 291 -47.20 1.48 -4.77
CA ALA A 291 -46.61 0.15 -4.81
C ALA A 291 -47.13 -0.65 -6.00
N THR A 292 -46.26 -1.48 -6.57
CA THR A 292 -46.61 -2.37 -7.66
C THR A 292 -46.58 -3.81 -7.15
N PRO A 293 -47.73 -4.41 -6.84
CA PRO A 293 -47.71 -5.76 -6.29
C PRO A 293 -47.22 -6.79 -7.30
N GLU A 294 -46.61 -7.85 -6.80
CA GLU A 294 -46.15 -8.92 -7.66
C GLU A 294 -47.34 -9.63 -8.30
N PRO A 295 -47.17 -10.17 -9.51
CA PRO A 295 -48.29 -10.87 -10.15
C PRO A 295 -48.75 -12.06 -9.32
N GLY A 296 -50.06 -12.25 -9.27
CA GLY A 296 -50.64 -13.34 -8.51
C GLY A 296 -50.38 -13.27 -7.02
N GLU A 297 -50.25 -12.06 -6.47
CA GLU A 297 -49.95 -11.86 -5.06
C GLU A 297 -51.20 -11.43 -4.31
N ASP A 298 -51.45 -12.08 -3.17
CA ASP A 298 -52.55 -11.66 -2.31
C ASP A 298 -52.20 -10.37 -1.59
N PRO A 299 -53.20 -9.55 -1.25
CA PRO A 299 -52.89 -8.25 -0.64
C PRO A 299 -52.16 -8.36 0.68
N ARG A 300 -52.44 -9.38 1.50
CA ARG A 300 -51.82 -9.47 2.81
C ARG A 300 -50.32 -9.73 2.71
N VAL A 301 -49.92 -10.63 1.80
CA VAL A 301 -48.49 -10.91 1.64
C VAL A 301 -47.75 -9.66 1.16
N THR A 302 -48.33 -8.95 0.20
CA THR A 302 -47.71 -7.71 -0.28
C THR A 302 -47.61 -6.69 0.84
N ARG A 303 -48.67 -6.56 1.66
CA ARG A 303 -48.64 -5.61 2.75
C ARG A 303 -47.56 -5.95 3.76
N ALA A 304 -47.42 -7.24 4.11
CA ALA A 304 -46.39 -7.63 5.06
C ALA A 304 -44.99 -7.38 4.51
N LYS A 305 -44.76 -7.77 3.25
CA LYS A 305 -43.46 -7.55 2.64
C LYS A 305 -43.13 -6.06 2.59
N TYR A 306 -44.09 -5.24 2.18
CA TYR A 306 -43.85 -3.81 2.08
C TYR A 306 -43.69 -3.18 3.45
N PHE A 307 -44.34 -3.71 4.48
CA PHE A 307 -44.12 -3.19 5.83
C PHE A 307 -42.70 -3.49 6.31
N ILE A 308 -42.22 -4.71 6.08
CA ILE A 308 -40.84 -5.04 6.47
C ILE A 308 -39.86 -4.16 5.71
N ARG A 309 -40.07 -4.03 4.40
CA ARG A 309 -39.17 -3.19 3.59
C ARG A 309 -39.25 -1.74 4.01
N LYS A 310 -40.44 -1.28 4.40
CA LYS A 310 -40.62 0.10 4.84
C LYS A 310 -39.84 0.36 6.13
N GLU A 311 -39.92 -0.57 7.09
CA GLU A 311 -39.16 -0.41 8.31
C GLU A 311 -37.65 -0.37 8.02
N PHE A 312 -37.18 -1.31 7.18
CA PHE A 312 -35.74 -1.35 6.90
C PHE A 312 -35.29 -0.12 6.13
N VAL A 313 -36.12 0.38 5.21
CA VAL A 313 -35.76 1.57 4.45
C VAL A 313 -35.77 2.80 5.35
N ASP A 314 -36.71 2.86 6.29
CA ASP A 314 -36.73 3.97 7.25
C ASP A 314 -35.47 3.97 8.09
N ILE A 315 -35.02 2.80 8.53
CA ILE A 315 -33.77 2.74 9.29
C ILE A 315 -32.59 3.16 8.41
N SER A 316 -32.52 2.63 7.18
CA SER A 316 -31.38 2.93 6.32
C SER A 316 -31.29 4.41 5.98
N THR A 317 -32.43 5.03 5.68
CA THR A 317 -32.42 6.43 5.26
C THR A 317 -31.84 7.31 6.36
N ALA A 318 -32.23 7.06 7.61
CA ALA A 318 -31.69 7.85 8.73
C ALA A 318 -30.19 7.68 8.81
N SER A 319 -29.49 8.81 8.93
CA SER A 319 -28.04 8.92 9.07
C SER A 319 -27.30 8.68 7.76
N GLY A 320 -28.00 8.29 6.69
CA GLY A 320 -27.31 8.05 5.43
C GLY A 320 -26.67 9.32 4.86
N ASP A 321 -27.44 10.41 4.84
CA ASP A 321 -26.98 11.71 4.36
C ASP A 321 -26.43 11.63 2.93
N GLY A 322 -26.80 10.59 2.19
CA GLY A 322 -26.34 10.43 0.82
C GLY A 322 -24.97 9.81 0.68
N ARG A 323 -24.26 9.55 1.78
CA ARG A 323 -22.94 8.94 1.68
C ARG A 323 -23.01 7.54 1.09
N HIS A 324 -23.99 6.75 1.53
CA HIS A 324 -24.15 5.38 1.07
C HIS A 324 -25.63 5.09 0.88
N ILE A 325 -25.93 4.25 -0.11
CA ILE A 325 -27.30 3.92 -0.49
C ILE A 325 -27.56 2.45 -0.20
N CYS A 326 -28.77 2.16 0.26
CA CYS A 326 -29.20 0.79 0.52
C CYS A 326 -30.08 0.31 -0.63
N TYR A 327 -29.98 -0.99 -0.95
CA TYR A 327 -30.68 -1.57 -2.09
C TYR A 327 -31.41 -2.83 -1.66
N PRO A 328 -32.52 -2.69 -0.95
CA PRO A 328 -33.31 -3.88 -0.58
C PRO A 328 -33.91 -4.56 -1.79
N HIS A 329 -34.09 -5.89 -1.66
CA HIS A 329 -34.67 -6.69 -2.72
C HIS A 329 -35.34 -7.92 -2.11
N PHE A 330 -36.46 -8.32 -2.71
CA PHE A 330 -37.12 -9.56 -2.30
C PHE A 330 -36.42 -10.73 -2.99
N THR A 331 -35.88 -11.65 -2.19
CA THR A 331 -35.16 -12.80 -2.70
C THR A 331 -35.66 -14.07 -2.02
N CYS A 332 -35.57 -15.18 -2.74
CA CYS A 332 -36.02 -16.47 -2.24
C CYS A 332 -34.85 -17.44 -2.22
N SER A 333 -35.02 -18.55 -1.50
CA SER A 333 -33.96 -19.53 -1.36
C SER A 333 -33.58 -20.13 -2.70
N VAL A 334 -34.57 -20.47 -3.54
CA VAL A 334 -34.32 -21.10 -4.83
C VAL A 334 -34.28 -20.09 -5.97
N ASP A 335 -34.55 -18.82 -5.70
CA ASP A 335 -34.52 -17.81 -6.75
C ASP A 335 -33.11 -17.71 -7.32
N THR A 336 -33.02 -17.72 -8.65
CA THR A 336 -31.75 -17.72 -9.36
C THR A 336 -31.35 -16.33 -9.85
N GLU A 337 -32.09 -15.29 -9.48
CA GLU A 337 -31.78 -13.93 -9.91
C GLU A 337 -30.79 -13.22 -8.98
N ASN A 338 -30.28 -13.91 -7.96
CA ASN A 338 -29.40 -13.27 -7.00
C ASN A 338 -28.18 -12.65 -7.69
N ALA A 339 -27.58 -13.39 -8.62
CA ALA A 339 -26.39 -12.89 -9.29
C ALA A 339 -26.67 -11.61 -10.07
N ARG A 340 -27.76 -11.61 -10.85
CA ARG A 340 -28.09 -10.42 -11.64
C ARG A 340 -28.44 -9.24 -10.75
N ARG A 341 -29.20 -9.47 -9.68
CA ARG A 341 -29.54 -8.38 -8.77
C ARG A 341 -28.28 -7.81 -8.12
N ILE A 342 -27.37 -8.67 -7.68
CA ILE A 342 -26.13 -8.20 -7.07
C ILE A 342 -25.32 -7.40 -8.07
N PHE A 343 -25.23 -7.89 -9.31
CA PHE A 343 -24.46 -7.17 -10.33
C PHE A 343 -25.07 -5.80 -10.61
N ASN A 344 -26.40 -5.73 -10.71
CA ASN A 344 -27.05 -4.45 -10.95
C ASN A 344 -26.81 -3.48 -9.80
N ASP A 345 -26.93 -3.96 -8.56
CA ASP A 345 -26.70 -3.09 -7.42
C ASP A 345 -25.26 -2.62 -7.35
N CYS A 346 -24.30 -3.49 -7.64
CA CYS A 346 -22.88 -3.12 -7.62
C CYS A 346 -22.47 -2.28 -8.82
N LYS A 347 -23.29 -2.24 -9.87
CA LYS A 347 -23.12 -1.28 -10.95
C LYS A 347 -23.71 0.07 -10.64
N ASP A 348 -24.86 0.11 -9.99
CA ASP A 348 -25.41 1.38 -9.53
C ASP A 348 -24.50 2.03 -8.49
N ILE A 349 -23.95 1.22 -7.58
CA ILE A 349 -23.03 1.75 -6.58
C ILE A 349 -21.81 2.36 -7.25
N ILE A 350 -21.25 1.67 -8.25
CA ILE A 350 -20.08 2.19 -8.94
C ILE A 350 -20.43 3.46 -9.69
N LEU A 351 -21.60 3.52 -10.32
CA LEU A 351 -22.01 4.73 -11.02
C LEU A 351 -22.12 5.90 -10.05
N GLN A 352 -22.72 5.67 -8.89
CA GLN A 352 -22.83 6.75 -7.89
C GLN A 352 -21.46 7.20 -7.41
N MET A 353 -20.56 6.24 -7.17
CA MET A 353 -19.22 6.59 -6.71
C MET A 353 -18.48 7.41 -7.76
N ASN A 354 -18.59 7.03 -9.03
CA ASN A 354 -17.95 7.79 -10.10
C ASN A 354 -18.56 9.17 -10.23
N LEU A 355 -19.89 9.28 -10.08
CA LEU A 355 -20.51 10.59 -10.01
C LEU A 355 -19.88 11.44 -8.91
N ARG A 356 -19.64 10.82 -7.75
CA ARG A 356 -19.01 11.54 -6.65
C ARG A 356 -17.61 12.00 -7.02
N GLU A 357 -16.83 11.13 -7.68
CA GLU A 357 -15.42 11.42 -7.91
C GLU A 357 -15.20 12.32 -9.12
N TYR A 358 -15.94 12.10 -10.21
CA TYR A 358 -15.70 12.80 -11.46
C TYR A 358 -16.37 14.17 -11.52
N ASN A 359 -16.72 14.75 -10.37
CA ASN A 359 -17.22 16.13 -10.31
C ASN A 359 -18.48 16.30 -11.15
N LEU A 360 -19.49 15.48 -10.85
CA LEU A 360 -20.77 15.55 -11.53
C LEU A 360 -21.96 15.78 -10.60
N VAL A 361 -21.80 15.56 -9.30
CA VAL A 361 -22.88 15.77 -8.34
C VAL A 361 -22.44 16.76 -7.28
N GLU B 8 -24.20 -19.81 47.48
CA GLU B 8 -22.88 -20.27 46.97
C GLU B 8 -22.32 -19.30 45.93
N LEU B 9 -23.10 -19.05 44.88
CA LEU B 9 -22.68 -18.09 43.87
C LEU B 9 -22.54 -16.69 44.48
N ASP B 10 -23.49 -16.30 45.34
CA ASP B 10 -23.41 -15.00 46.00
C ASP B 10 -22.18 -14.92 46.89
N GLN B 11 -21.90 -16.00 47.64
CA GLN B 11 -20.74 -16.00 48.51
C GLN B 11 -19.44 -15.84 47.73
N LEU B 12 -19.32 -16.55 46.60
CA LEU B 12 -18.12 -16.44 45.78
C LEU B 12 -18.01 -15.06 45.15
N ARG B 13 -19.13 -14.49 44.71
CA ARG B 13 -19.10 -13.14 44.16
C ARG B 13 -18.66 -12.12 45.21
N GLN B 14 -19.18 -12.25 46.44
CA GLN B 14 -18.76 -11.35 47.50
C GLN B 14 -17.28 -11.55 47.84
N GLU B 15 -16.80 -12.78 47.82
CA GLU B 15 -15.38 -13.04 48.06
C GLU B 15 -14.53 -12.37 46.98
N ALA B 16 -14.96 -12.46 45.72
CA ALA B 16 -14.24 -11.81 44.65
C ALA B 16 -14.23 -10.30 44.82
N GLU B 17 -15.38 -9.73 45.23
CA GLU B 17 -15.45 -8.29 45.49
C GLU B 17 -14.49 -7.89 46.61
N GLN B 18 -14.45 -8.68 47.69
CA GLN B 18 -13.56 -8.39 48.81
C GLN B 18 -12.10 -8.47 48.36
N LEU B 19 -11.77 -9.47 47.54
CA LEU B 19 -10.39 -9.59 47.06
C LEU B 19 -10.02 -8.41 46.16
N LYS B 20 -10.96 -7.97 45.31
CA LYS B 20 -10.70 -6.80 44.48
C LYS B 20 -10.47 -5.56 45.35
N ASN B 21 -11.29 -5.39 46.38
CA ASN B 21 -11.12 -4.25 47.28
C ASN B 21 -9.78 -4.32 48.00
N GLN B 22 -9.37 -5.52 48.42
CA GLN B 22 -8.06 -5.68 49.04
C GLN B 22 -6.94 -5.33 48.06
N ILE B 23 -7.07 -5.76 46.81
CA ILE B 23 -6.11 -5.39 45.78
C ILE B 23 -6.00 -3.87 45.69
N ARG B 24 -7.14 -3.20 45.59
CA ARG B 24 -7.14 -1.75 45.44
C ARG B 24 -6.54 -1.06 46.66
N ASP B 25 -6.86 -1.56 47.86
CA ASP B 25 -6.31 -0.97 49.07
C ASP B 25 -4.80 -1.12 49.11
N ALA B 26 -4.29 -2.31 48.76
CA ALA B 26 -2.84 -2.50 48.72
C ALA B 26 -2.19 -1.59 47.68
N ARG B 27 -2.83 -1.44 46.52
CA ARG B 27 -2.28 -0.56 45.49
C ARG B 27 -2.20 0.88 45.99
N LYS B 28 -3.27 1.37 46.62
CA LYS B 28 -3.26 2.73 47.15
C LYS B 28 -2.25 2.88 48.27
N ALA B 29 -2.03 1.82 49.05
CA ALA B 29 -0.98 1.85 50.07
C ALA B 29 0.39 2.01 49.42
N CYS B 30 0.65 1.28 48.33
CA CYS B 30 1.89 1.45 47.60
C CYS B 30 1.85 2.59 46.59
N ALA B 31 0.69 3.21 46.39
CA ALA B 31 0.58 4.39 45.53
C ALA B 31 1.01 5.63 46.31
N ASP B 32 2.27 5.62 46.73
CA ASP B 32 2.78 6.66 47.63
C ASP B 32 2.99 7.98 46.89
N ALA B 33 3.44 7.92 45.64
CA ALA B 33 3.78 9.13 44.91
C ALA B 33 3.60 8.89 43.41
N THR B 34 3.56 9.99 42.67
CA THR B 34 3.39 9.98 41.22
C THR B 34 4.72 10.29 40.54
N LEU B 35 4.83 9.85 39.28
CA LEU B 35 6.04 10.11 38.51
C LEU B 35 6.18 11.60 38.21
N SER B 36 5.08 12.29 37.97
CA SER B 36 5.15 13.71 37.66
C SER B 36 5.84 14.47 38.78
N GLN B 37 5.53 14.13 40.02
CA GLN B 37 6.21 14.78 41.16
C GLN B 37 7.70 14.50 41.12
N ILE B 38 8.08 13.25 40.89
CA ILE B 38 9.50 12.88 40.91
C ILE B 38 10.20 13.38 39.65
N THR B 39 9.55 13.25 38.49
CA THR B 39 10.17 13.53 37.21
C THR B 39 10.25 15.02 36.90
N ASN B 40 9.60 15.88 37.70
CA ASN B 40 9.55 17.29 37.37
C ASN B 40 10.93 17.93 37.30
N ASN B 41 11.95 17.29 37.87
CA ASN B 41 13.31 17.82 37.87
C ASN B 41 14.14 17.36 36.69
N ILE B 42 13.55 16.63 35.74
CA ILE B 42 14.28 16.12 34.59
C ILE B 42 14.19 17.13 33.46
N ASP B 43 15.32 17.34 32.77
CA ASP B 43 15.36 18.33 31.71
C ASP B 43 14.43 17.94 30.56
N PRO B 44 13.75 18.90 29.93
CA PRO B 44 12.86 18.55 28.82
C PRO B 44 13.62 17.92 27.66
N VAL B 45 12.95 17.00 26.97
CA VAL B 45 13.54 16.38 25.78
C VAL B 45 13.64 17.40 24.66
N GLY B 46 12.64 18.27 24.53
CA GLY B 46 12.63 19.30 23.51
C GLY B 46 12.02 18.82 22.21
N ARG B 47 11.88 19.77 21.29
CA ARG B 47 11.30 19.46 19.98
C ARG B 47 12.19 18.48 19.23
N ILE B 48 11.57 17.48 18.62
CA ILE B 48 12.27 16.45 17.86
C ILE B 48 11.81 16.55 16.41
N GLN B 49 12.76 16.64 15.49
CA GLN B 49 12.50 16.80 14.06
C GLN B 49 12.76 15.46 13.38
N MET B 50 11.73 14.63 13.30
CA MET B 50 11.80 13.35 12.60
C MET B 50 11.23 13.52 11.20
N ARG B 51 12.03 13.20 10.19
CA ARG B 51 11.64 13.34 8.79
C ARG B 51 11.73 12.00 8.09
N THR B 52 10.83 11.78 7.14
CA THR B 52 10.75 10.50 6.46
C THR B 52 12.07 10.20 5.75
N ARG B 53 12.66 9.05 6.08
CA ARG B 53 13.95 8.66 5.52
C ARG B 53 13.83 7.63 4.40
N ARG B 54 12.75 6.84 4.37
CA ARG B 54 12.63 5.82 3.34
C ARG B 54 11.17 5.48 3.10
N THR B 55 10.77 5.39 1.84
CA THR B 55 9.40 5.08 1.46
C THR B 55 9.35 3.73 0.75
N LEU B 56 8.51 2.84 1.27
CA LEU B 56 8.22 1.57 0.63
C LEU B 56 6.82 1.67 0.02
N ARG B 57 6.73 1.44 -1.29
CA ARG B 57 5.53 1.74 -2.06
C ARG B 57 4.82 0.51 -2.61
N GLY B 58 5.54 -0.59 -2.81
CA GLY B 58 4.99 -1.74 -3.50
C GLY B 58 4.01 -2.56 -2.68
N HIS B 59 2.85 -1.98 -2.38
CA HIS B 59 1.75 -2.72 -1.77
C HIS B 59 0.45 -2.22 -2.37
N LEU B 60 -0.55 -3.11 -2.39
CA LEU B 60 -1.81 -2.84 -3.08
C LEU B 60 -2.90 -2.33 -2.17
N ALA B 61 -2.85 -2.64 -0.87
CA ALA B 61 -3.95 -2.31 0.02
C ALA B 61 -3.39 -1.96 1.40
N LYS B 62 -4.29 -1.85 2.37
CA LYS B 62 -3.94 -1.53 3.74
C LYS B 62 -2.78 -2.40 4.23
N ILE B 63 -1.80 -1.75 4.85
CA ILE B 63 -0.78 -2.45 5.63
C ILE B 63 -1.31 -2.58 7.05
N TYR B 64 -1.06 -3.75 7.67
CA TYR B 64 -1.74 -4.05 8.92
C TYR B 64 -0.79 -4.49 10.04
N ALA B 65 0.35 -5.09 9.67
CA ALA B 65 1.28 -5.63 10.67
C ALA B 65 2.70 -5.48 10.17
N MET B 66 3.63 -5.40 11.12
CA MET B 66 5.05 -5.29 10.82
C MET B 66 5.86 -5.49 12.08
N HIS B 67 6.97 -6.22 11.97
CA HIS B 67 7.87 -6.45 13.10
C HIS B 67 9.28 -6.60 12.58
N TRP B 68 10.20 -5.81 13.14
CA TRP B 68 11.61 -5.92 12.80
C TRP B 68 12.20 -7.18 13.42
N GLY B 69 13.10 -7.84 12.68
CA GLY B 69 13.79 -8.99 13.18
C GLY B 69 14.95 -8.59 14.09
N THR B 70 15.89 -9.52 14.24
CA THR B 70 17.07 -9.22 15.05
C THR B 70 17.83 -8.03 14.47
N ASP B 71 17.99 -7.99 13.16
CA ASP B 71 18.65 -6.86 12.52
C ASP B 71 17.68 -5.70 12.33
N SER B 72 18.26 -4.53 12.08
CA SER B 72 17.50 -3.31 11.84
C SER B 72 17.38 -2.97 10.36
N ARG B 73 17.74 -3.90 9.48
CA ARG B 73 17.73 -3.68 8.04
C ARG B 73 16.51 -4.31 7.37
N LEU B 74 16.26 -5.60 7.61
CA LEU B 74 15.12 -6.27 7.00
C LEU B 74 13.82 -5.81 7.67
N LEU B 75 12.77 -5.68 6.87
CA LEU B 75 11.45 -5.28 7.36
C LEU B 75 10.38 -6.17 6.74
N VAL B 76 9.56 -6.76 7.59
CA VAL B 76 8.43 -7.57 7.15
C VAL B 76 7.16 -6.74 7.26
N SER B 77 6.36 -6.74 6.19
CA SER B 77 5.08 -6.04 6.17
C SER B 77 4.00 -6.96 5.61
N ALA B 78 2.79 -6.82 6.15
CA ALA B 78 1.64 -7.63 5.75
C ALA B 78 0.54 -6.72 5.25
N SER B 79 -0.03 -7.08 4.10
CA SER B 79 -1.06 -6.28 3.45
C SER B 79 -2.29 -7.13 3.14
N GLN B 80 -3.45 -6.51 3.34
CA GLN B 80 -4.75 -7.16 3.19
C GLN B 80 -5.02 -7.61 1.76
N ASP B 81 -4.24 -7.12 0.79
CA ASP B 81 -4.25 -7.77 -0.52
C ASP B 81 -3.90 -9.23 -0.39
N GLY B 82 -3.29 -9.62 0.73
CA GLY B 82 -2.97 -11.00 1.02
C GLY B 82 -1.50 -11.29 0.79
N LYS B 83 -0.62 -10.36 1.17
CA LYS B 83 0.78 -10.51 0.80
C LYS B 83 1.70 -10.11 1.94
N LEU B 84 2.78 -10.88 2.09
CA LEU B 84 3.88 -10.56 2.98
C LEU B 84 5.07 -10.13 2.15
N ILE B 85 5.62 -8.95 2.43
CA ILE B 85 6.79 -8.45 1.73
C ILE B 85 7.91 -8.22 2.74
N ILE B 86 9.07 -8.81 2.46
CA ILE B 86 10.29 -8.56 3.21
C ILE B 86 11.16 -7.62 2.37
N TRP B 87 11.45 -6.45 2.92
CA TRP B 87 12.21 -5.41 2.24
C TRP B 87 13.58 -5.26 2.88
N ASP B 88 14.58 -4.98 2.05
CA ASP B 88 15.90 -4.53 2.52
C ASP B 88 15.80 -3.02 2.71
N SER B 89 15.51 -2.62 3.95
CA SER B 89 15.17 -1.22 4.21
C SER B 89 16.29 -0.28 3.78
N TYR B 90 17.54 -0.67 4.02
CA TYR B 90 18.65 0.22 3.68
C TYR B 90 18.70 0.52 2.18
N THR B 91 18.21 -0.41 1.35
CA THR B 91 18.35 -0.28 -0.10
C THR B 91 17.01 -0.22 -0.83
N THR B 92 15.90 -0.18 -0.12
CA THR B 92 14.57 -0.08 -0.71
C THR B 92 14.37 -1.17 -1.78
N ASN B 93 14.75 -2.39 -1.43
CA ASN B 93 14.60 -3.55 -2.31
C ASN B 93 13.70 -4.58 -1.64
N LYS B 94 12.72 -5.07 -2.40
CA LYS B 94 11.82 -6.12 -1.91
C LYS B 94 12.58 -7.44 -1.91
N VAL B 95 13.08 -7.84 -0.74
CA VAL B 95 13.85 -9.08 -0.64
C VAL B 95 12.98 -10.27 -1.01
N HIS B 96 11.74 -10.29 -0.53
CA HIS B 96 10.85 -11.42 -0.75
C HIS B 96 9.40 -10.94 -0.86
N ALA B 97 8.63 -11.60 -1.72
CA ALA B 97 7.20 -11.37 -1.86
C ALA B 97 6.48 -12.70 -1.77
N ILE B 98 5.52 -12.80 -0.87
CA ILE B 98 4.83 -14.07 -0.61
C ILE B 98 3.32 -13.82 -0.65
N PRO B 99 2.60 -14.37 -1.62
CA PRO B 99 1.14 -14.32 -1.56
C PRO B 99 0.62 -15.17 -0.41
N LEU B 100 -0.52 -14.77 0.13
CA LEU B 100 -1.12 -15.43 1.28
C LEU B 100 -2.46 -16.05 0.87
N ARG B 101 -2.68 -17.29 1.34
CA ARG B 101 -3.91 -17.99 0.99
C ARG B 101 -5.15 -17.23 1.43
N SER B 102 -5.05 -16.45 2.51
CA SER B 102 -6.13 -15.62 2.99
C SER B 102 -5.78 -14.16 2.75
N SER B 103 -6.61 -13.46 1.99
CA SER B 103 -6.34 -12.05 1.69
C SER B 103 -6.39 -11.21 2.96
N TRP B 104 -7.36 -11.48 3.83
CA TRP B 104 -7.55 -10.68 5.05
C TRP B 104 -6.46 -11.07 6.05
N VAL B 105 -5.44 -10.23 6.15
CA VAL B 105 -4.31 -10.45 7.05
C VAL B 105 -4.26 -9.29 8.04
N MET B 106 -3.96 -9.61 9.30
CA MET B 106 -3.92 -8.60 10.35
C MET B 106 -2.69 -8.69 11.24
N THR B 107 -1.99 -9.83 11.26
CA THR B 107 -0.82 -10.01 12.10
C THR B 107 0.32 -10.59 11.29
N CYS B 108 1.54 -10.22 11.67
CA CYS B 108 2.73 -10.79 11.08
C CYS B 108 3.86 -10.67 12.09
N ALA B 109 4.66 -11.73 12.21
CA ALA B 109 5.75 -11.79 13.15
C ALA B 109 7.01 -12.28 12.45
N TYR B 110 8.15 -11.75 12.88
CA TYR B 110 9.46 -12.11 12.34
C TYR B 110 10.25 -12.83 13.42
N ALA B 111 10.69 -14.05 13.09
CA ALA B 111 11.54 -14.79 14.03
C ALA B 111 12.88 -14.07 14.19
N PRO B 112 13.43 -14.03 15.40
CA PRO B 112 14.68 -13.27 15.59
C PRO B 112 15.81 -13.74 14.71
N SER B 113 15.93 -15.05 14.47
CA SER B 113 17.00 -15.57 13.63
C SER B 113 16.80 -15.22 12.16
N GLY B 114 15.56 -14.98 11.75
CA GLY B 114 15.25 -14.64 10.38
C GLY B 114 14.95 -15.83 9.49
N ASN B 115 15.10 -17.06 9.99
CA ASN B 115 14.82 -18.23 9.18
C ASN B 115 13.34 -18.48 8.99
N TYR B 116 12.49 -17.92 9.87
CA TYR B 116 11.06 -18.17 9.84
C TYR B 116 10.30 -16.86 9.96
N VAL B 117 9.14 -16.82 9.29
CA VAL B 117 8.21 -15.71 9.37
C VAL B 117 6.82 -16.28 9.65
N ALA B 118 5.99 -15.50 10.33
CA ALA B 118 4.65 -15.93 10.70
C ALA B 118 3.66 -14.81 10.45
N CYS B 119 2.41 -15.18 10.20
CA CYS B 119 1.36 -14.21 9.95
C CYS B 119 0.01 -14.90 10.07
N GLY B 120 -1.05 -14.12 9.89
CA GLY B 120 -2.40 -14.66 9.99
C GLY B 120 -3.43 -13.55 9.92
N GLY B 121 -4.68 -13.95 10.14
CA GLY B 121 -5.78 -13.00 10.12
C GLY B 121 -7.11 -13.66 10.41
N LEU B 122 -8.13 -13.32 9.61
CA LEU B 122 -9.47 -13.88 9.81
C LEU B 122 -9.55 -15.35 9.42
N ASP B 123 -8.50 -15.90 8.79
CA ASP B 123 -8.53 -17.31 8.42
C ASP B 123 -8.56 -18.23 9.65
N ASN B 124 -8.28 -17.70 10.83
CA ASN B 124 -8.27 -18.43 12.09
C ASN B 124 -7.14 -19.44 12.19
N ILE B 125 -6.26 -19.53 11.18
CA ILE B 125 -5.11 -20.41 11.19
C ILE B 125 -3.86 -19.57 10.98
N CYS B 126 -2.87 -19.76 11.85
CA CYS B 126 -1.63 -19.01 11.77
C CYS B 126 -0.67 -19.72 10.83
N SER B 127 -0.14 -18.99 9.85
CA SER B 127 0.71 -19.55 8.81
C SER B 127 2.16 -19.14 9.08
N ILE B 128 3.06 -20.13 9.07
CA ILE B 128 4.48 -19.92 9.27
C ILE B 128 5.21 -20.44 8.04
N TYR B 129 6.03 -19.60 7.44
CA TYR B 129 6.88 -19.95 6.31
C TYR B 129 8.35 -19.75 6.68
N ASN B 130 9.22 -20.18 5.78
CA ASN B 130 10.67 -20.04 5.96
C ASN B 130 11.30 -19.52 4.68
N LEU B 131 12.42 -18.81 4.84
CA LEU B 131 13.08 -18.16 3.71
C LEU B 131 14.15 -19.02 3.06
N LYS B 132 14.75 -19.95 3.79
CA LYS B 132 15.95 -20.65 3.35
C LYS B 132 15.66 -22.11 2.99
N THR B 133 14.52 -22.36 2.35
CA THR B 133 14.21 -23.72 1.91
C THR B 133 15.24 -24.19 0.89
N ARG B 134 15.54 -25.48 0.93
CA ARG B 134 16.47 -26.05 -0.04
C ARG B 134 15.96 -25.86 -1.47
N GLU B 135 14.64 -25.76 -1.64
CA GLU B 135 14.07 -25.48 -2.96
C GLU B 135 14.32 -24.05 -3.41
N GLY B 136 14.72 -23.16 -2.50
CA GLY B 136 14.94 -21.77 -2.85
C GLY B 136 13.69 -20.93 -2.91
N ASN B 137 12.54 -21.46 -2.52
CA ASN B 137 11.28 -20.74 -2.57
C ASN B 137 10.58 -20.84 -1.22
N VAL B 138 9.73 -19.84 -0.94
CA VAL B 138 8.98 -19.82 0.30
C VAL B 138 7.89 -20.89 0.25
N ARG B 139 7.73 -21.63 1.35
CA ARG B 139 6.75 -22.69 1.44
C ARG B 139 6.08 -22.62 2.80
N VAL B 140 4.90 -23.25 2.89
CA VAL B 140 4.17 -23.31 4.15
C VAL B 140 4.90 -24.23 5.10
N SER B 141 5.61 -23.65 6.08
CA SER B 141 6.32 -24.44 7.07
C SER B 141 5.39 -25.04 8.10
N ARG B 142 4.36 -24.30 8.49
CA ARG B 142 3.44 -24.76 9.52
C ARG B 142 2.11 -24.03 9.39
N GLU B 143 1.03 -24.73 9.75
CA GLU B 143 -0.33 -24.20 9.72
C GLU B 143 -0.96 -24.51 11.07
N LEU B 144 -0.81 -23.59 12.02
CA LEU B 144 -1.35 -23.81 13.37
C LEU B 144 -2.83 -23.50 13.39
N ALA B 145 -3.62 -24.45 13.91
CA ALA B 145 -5.06 -24.35 13.95
C ALA B 145 -5.56 -24.72 15.34
N GLY B 146 -6.69 -24.14 15.72
CA GLY B 146 -7.28 -24.41 17.02
C GLY B 146 -7.89 -23.17 17.64
N HIS B 147 -7.39 -21.99 17.25
CA HIS B 147 -8.01 -20.76 17.70
C HIS B 147 -9.38 -20.60 17.04
N THR B 148 -10.40 -20.31 17.85
CA THR B 148 -11.77 -20.18 17.39
C THR B 148 -12.12 -18.72 17.12
N GLY B 149 -11.14 -17.93 16.72
CA GLY B 149 -11.34 -16.53 16.42
C GLY B 149 -10.14 -15.98 15.70
N TYR B 150 -10.35 -14.81 15.08
CA TYR B 150 -9.30 -14.17 14.32
C TYR B 150 -8.00 -14.10 15.13
N LEU B 151 -6.87 -14.20 14.44
CA LEU B 151 -5.56 -14.02 15.06
C LEU B 151 -5.20 -12.54 14.99
N SER B 152 -5.07 -11.90 16.15
CA SER B 152 -4.81 -10.48 16.27
C SER B 152 -3.32 -10.16 16.33
N CYS B 153 -2.55 -10.97 17.05
CA CYS B 153 -1.11 -10.79 17.11
C CYS B 153 -0.46 -12.16 17.28
N CYS B 154 0.85 -12.20 17.02
CA CYS B 154 1.63 -13.41 17.26
C CYS B 154 3.08 -13.00 17.43
N ARG B 155 3.81 -13.78 18.23
CA ARG B 155 5.19 -13.45 18.55
C ARG B 155 5.98 -14.74 18.71
N PHE B 156 7.29 -14.62 18.57
CA PHE B 156 8.21 -15.76 18.57
C PHE B 156 9.06 -15.72 19.83
N LEU B 157 8.98 -16.78 20.64
CA LEU B 157 9.98 -16.99 21.68
C LEU B 157 11.28 -17.51 21.09
N ASP B 158 11.18 -18.42 20.13
CA ASP B 158 12.32 -18.98 19.42
C ASP B 158 11.79 -19.67 18.16
N ASP B 159 12.68 -20.36 17.45
CA ASP B 159 12.28 -21.01 16.20
C ASP B 159 11.32 -22.18 16.42
N ASN B 160 11.24 -22.71 17.64
CA ASN B 160 10.38 -23.84 17.94
C ASN B 160 9.16 -23.47 18.77
N GLN B 161 9.04 -22.22 19.20
CA GLN B 161 7.91 -21.77 20.01
C GLN B 161 7.29 -20.54 19.36
N ILE B 162 5.97 -20.44 19.42
CA ILE B 162 5.29 -19.26 18.90
C ILE B 162 4.06 -18.95 19.75
N VAL B 163 3.88 -17.69 20.11
CA VAL B 163 2.75 -17.23 20.90
C VAL B 163 1.79 -16.53 19.95
N THR B 164 0.50 -16.84 20.07
CA THR B 164 -0.54 -16.23 19.25
C THR B 164 -1.71 -15.80 20.13
N SER B 165 -2.27 -14.64 19.80
CA SER B 165 -3.44 -14.11 20.47
C SER B 165 -4.60 -14.06 19.48
N SER B 166 -5.78 -14.46 19.92
CA SER B 166 -6.95 -14.53 19.05
C SER B 166 -8.14 -13.89 19.75
N GLY B 167 -9.25 -13.80 19.02
CA GLY B 167 -10.47 -13.21 19.50
C GLY B 167 -11.37 -14.12 20.31
N ASP B 168 -10.94 -15.35 20.59
CA ASP B 168 -11.71 -16.28 21.40
C ASP B 168 -11.50 -16.07 22.89
N THR B 169 -10.95 -14.92 23.30
CA THR B 169 -10.62 -14.65 24.70
C THR B 169 -9.59 -15.64 25.23
N THR B 170 -8.83 -16.29 24.35
CA THR B 170 -7.84 -17.27 24.73
C THR B 170 -6.58 -17.04 23.91
N CYS B 171 -5.43 -17.25 24.54
CA CYS B 171 -4.13 -17.10 23.87
C CYS B 171 -3.39 -18.43 23.91
N ALA B 172 -2.69 -18.77 22.83
CA ALA B 172 -2.11 -20.09 22.66
C ALA B 172 -0.63 -20.00 22.34
N LEU B 173 0.17 -20.76 23.09
CA LEU B 173 1.58 -20.97 22.79
C LEU B 173 1.73 -22.34 22.13
N TRP B 174 2.32 -22.38 20.95
CA TRP B 174 2.41 -23.55 20.10
C TRP B 174 3.87 -23.96 19.89
N ASP B 175 4.02 -25.25 19.57
CA ASP B 175 5.28 -25.85 19.18
C ASP B 175 5.24 -26.14 17.69
N ILE B 176 6.18 -25.57 16.94
CA ILE B 176 6.17 -25.71 15.48
C ILE B 176 6.44 -27.16 15.09
N GLU B 177 7.25 -27.89 15.86
CA GLU B 177 7.61 -29.24 15.48
C GLU B 177 6.38 -30.14 15.39
N THR B 178 5.48 -30.05 16.37
CA THR B 178 4.28 -30.88 16.41
C THR B 178 3.01 -30.14 15.98
N GLY B 179 3.05 -28.82 15.92
CA GLY B 179 1.85 -28.07 15.53
C GLY B 179 0.69 -28.29 16.46
N GLN B 180 0.94 -28.26 17.77
CA GLN B 180 -0.09 -28.48 18.78
C GLN B 180 -0.11 -27.32 19.75
N GLN B 181 -1.26 -27.15 20.43
CA GLN B 181 -1.38 -26.12 21.45
C GLN B 181 -0.61 -26.52 22.69
N THR B 182 0.65 -26.08 22.78
CA THR B 182 1.48 -26.45 23.92
C THR B 182 0.89 -25.90 25.21
N THR B 183 0.39 -24.66 25.18
CA THR B 183 -0.21 -24.05 26.36
C THR B 183 -1.34 -23.15 25.91
N THR B 184 -2.41 -23.09 26.72
CA THR B 184 -3.56 -22.25 26.44
C THR B 184 -3.96 -21.48 27.68
N PHE B 185 -4.22 -20.18 27.51
CA PHE B 185 -4.71 -19.31 28.57
C PHE B 185 -6.11 -18.84 28.22
N THR B 186 -7.05 -19.04 29.15
CA THR B 186 -8.44 -18.63 28.96
C THR B 186 -8.88 -17.59 29.99
N GLY B 187 -7.91 -16.88 30.60
CA GLY B 187 -8.25 -15.94 31.65
C GLY B 187 -8.80 -14.62 31.18
N HIS B 188 -8.55 -14.26 29.93
CA HIS B 188 -9.03 -12.98 29.41
C HIS B 188 -10.54 -13.01 29.21
N THR B 189 -11.18 -11.86 29.43
CA THR B 189 -12.61 -11.72 29.24
C THR B 189 -12.98 -11.13 27.88
N GLY B 190 -12.20 -10.16 27.39
CA GLY B 190 -12.47 -9.53 26.12
C GLY B 190 -11.55 -10.04 25.00
N ASP B 191 -11.78 -9.49 23.81
CA ASP B 191 -10.98 -9.87 22.66
C ASP B 191 -9.56 -9.35 22.82
N VAL B 192 -8.58 -10.24 22.61
CA VAL B 192 -7.17 -9.86 22.72
C VAL B 192 -6.74 -9.22 21.41
N MET B 193 -6.15 -8.02 21.50
CA MET B 193 -5.80 -7.26 20.31
C MET B 193 -4.32 -7.28 19.98
N SER B 194 -3.45 -7.13 20.98
CA SER B 194 -2.02 -7.05 20.73
C SER B 194 -1.26 -7.88 21.75
N LEU B 195 -0.05 -8.27 21.38
CA LEU B 195 0.82 -9.08 22.23
C LEU B 195 2.23 -8.52 22.19
N SER B 196 2.92 -8.60 23.32
CA SER B 196 4.30 -8.15 23.43
C SER B 196 5.09 -9.17 24.25
N LEU B 197 6.39 -9.22 24.01
CA LEU B 197 7.28 -10.17 24.68
C LEU B 197 8.24 -9.42 25.58
N ALA B 198 8.41 -9.93 26.80
CA ALA B 198 9.39 -9.35 27.71
C ALA B 198 10.80 -9.71 27.25
N PRO B 199 11.80 -8.88 27.59
CA PRO B 199 13.18 -9.18 27.18
C PRO B 199 13.60 -10.61 27.47
N ASP B 200 13.51 -11.01 28.74
CA ASP B 200 13.93 -12.36 29.13
C ASP B 200 13.05 -13.44 28.51
N THR B 201 11.82 -13.10 28.12
CA THR B 201 10.84 -14.01 27.51
C THR B 201 10.21 -14.94 28.53
N ARG B 202 10.62 -14.87 29.80
CA ARG B 202 10.01 -15.72 30.82
C ARG B 202 8.59 -15.29 31.14
N LEU B 203 8.22 -14.05 30.81
CA LEU B 203 6.90 -13.50 31.06
C LEU B 203 6.41 -12.80 29.80
N PHE B 204 5.10 -12.64 29.68
CA PHE B 204 4.55 -11.85 28.59
C PHE B 204 3.30 -11.13 29.07
N VAL B 205 2.93 -10.08 28.34
CA VAL B 205 1.80 -9.23 28.68
C VAL B 205 0.92 -9.06 27.46
N SER B 206 -0.39 -9.16 27.67
CA SER B 206 -1.37 -9.05 26.59
C SER B 206 -2.44 -8.04 26.98
N GLY B 207 -3.13 -7.52 25.96
CA GLY B 207 -4.20 -6.56 26.18
C GLY B 207 -5.44 -6.94 25.40
N ALA B 208 -6.60 -6.74 26.02
CA ALA B 208 -7.86 -7.17 25.44
C ALA B 208 -8.86 -6.02 25.42
N CYS B 209 -9.95 -6.23 24.68
CA CYS B 209 -10.97 -5.20 24.47
C CYS B 209 -11.79 -4.93 25.73
N ASP B 210 -11.67 -5.74 26.76
CA ASP B 210 -12.38 -5.50 28.02
C ASP B 210 -11.77 -4.37 28.82
N ALA B 211 -10.87 -3.58 28.24
CA ALA B 211 -10.14 -2.53 28.94
C ALA B 211 -9.21 -3.12 30.00
N SER B 212 -8.64 -4.28 29.73
CA SER B 212 -7.81 -4.98 30.68
C SER B 212 -6.56 -5.51 30.01
N ALA B 213 -5.42 -5.35 30.69
CA ALA B 213 -4.17 -5.98 30.33
C ALA B 213 -3.81 -7.01 31.39
N LYS B 214 -3.16 -8.09 30.96
CA LYS B 214 -2.85 -9.19 31.85
C LYS B 214 -1.44 -9.71 31.60
N LEU B 215 -0.76 -10.04 32.69
CA LEU B 215 0.59 -10.59 32.65
C LEU B 215 0.54 -12.07 32.95
N TRP B 216 1.21 -12.88 32.12
CA TRP B 216 1.20 -14.32 32.24
C TRP B 216 2.61 -14.87 32.16
N ASP B 217 2.82 -16.01 32.79
CA ASP B 217 4.09 -16.73 32.74
C ASP B 217 4.05 -17.73 31.59
N VAL B 218 5.14 -17.77 30.81
CA VAL B 218 5.17 -18.61 29.62
C VAL B 218 4.99 -20.08 30.00
N ARG B 219 5.68 -20.52 31.05
CA ARG B 219 5.61 -21.92 31.46
C ARG B 219 4.46 -22.19 32.42
N GLU B 220 4.39 -21.44 33.52
CA GLU B 220 3.31 -21.65 34.48
C GLU B 220 1.96 -21.35 33.86
N GLY B 221 1.86 -20.25 33.11
CA GLY B 221 0.64 -19.95 32.38
C GLY B 221 -0.51 -19.45 33.21
N MET B 222 -0.24 -18.80 34.35
CA MET B 222 -1.29 -18.22 35.18
C MET B 222 -1.20 -16.70 35.14
N CYS B 223 -2.35 -16.05 35.29
CA CYS B 223 -2.41 -14.59 35.26
C CYS B 223 -1.80 -14.02 36.52
N ARG B 224 -0.51 -13.69 36.47
CA ARG B 224 0.18 -13.20 37.66
C ARG B 224 -0.39 -11.87 38.12
N GLN B 225 -0.66 -10.96 37.19
CA GLN B 225 -1.14 -9.63 37.55
C GLN B 225 -2.06 -9.12 36.45
N THR B 226 -2.94 -8.18 36.84
CA THR B 226 -3.91 -7.58 35.95
C THR B 226 -3.88 -6.06 36.10
N PHE B 227 -4.18 -5.37 35.01
CA PHE B 227 -4.19 -3.92 34.97
C PHE B 227 -5.49 -3.47 34.31
N THR B 228 -6.30 -2.70 35.04
CA THR B 228 -7.56 -2.17 34.55
C THR B 228 -7.56 -0.66 34.80
N GLY B 229 -7.04 0.09 33.83
CA GLY B 229 -7.01 1.53 33.93
C GLY B 229 -7.58 2.22 32.71
N HIS B 230 -7.89 1.44 31.68
CA HIS B 230 -8.46 1.97 30.46
C HIS B 230 -9.99 1.96 30.53
N GLU B 231 -10.61 2.82 29.71
CA GLU B 231 -12.05 2.94 29.64
C GLU B 231 -12.63 2.46 28.31
N SER B 232 -11.78 2.03 27.38
CA SER B 232 -12.23 1.54 26.08
C SER B 232 -11.40 0.33 25.69
N ASP B 233 -11.63 -0.16 24.47
CA ASP B 233 -10.92 -1.34 24.00
C ASP B 233 -9.44 -1.02 23.78
N ILE B 234 -8.58 -1.93 24.22
CA ILE B 234 -7.14 -1.76 24.08
C ILE B 234 -6.71 -2.28 22.72
N ASN B 235 -5.93 -1.47 21.99
CA ASN B 235 -5.52 -1.80 20.64
C ASN B 235 -4.06 -2.21 20.53
N ALA B 236 -3.20 -1.79 21.45
CA ALA B 236 -1.77 -2.02 21.34
C ALA B 236 -1.19 -2.30 22.71
N ILE B 237 -0.03 -2.96 22.70
CA ILE B 237 0.71 -3.24 23.93
C ILE B 237 2.20 -3.31 23.60
N CYS B 238 3.01 -2.73 24.46
CA CYS B 238 4.46 -2.79 24.31
C CYS B 238 5.09 -2.70 25.69
N PHE B 239 6.18 -3.44 25.88
CA PHE B 239 6.86 -3.51 27.16
C PHE B 239 8.05 -2.56 27.18
N PHE B 240 8.31 -1.99 28.36
CA PHE B 240 9.46 -1.13 28.53
C PHE B 240 10.73 -1.94 28.25
N PRO B 241 11.78 -1.30 27.69
CA PRO B 241 12.99 -2.06 27.38
C PRO B 241 13.56 -2.83 28.56
N ASN B 242 13.47 -2.28 29.76
CA ASN B 242 13.96 -2.99 30.94
C ASN B 242 13.14 -4.24 31.25
N GLY B 243 11.91 -4.32 30.75
CA GLY B 243 11.06 -5.48 30.96
C GLY B 243 10.25 -5.47 32.23
N ASN B 244 10.36 -4.43 33.06
CA ASN B 244 9.63 -4.33 34.31
C ASN B 244 8.41 -3.43 34.21
N ALA B 245 8.08 -2.94 33.01
CA ALA B 245 6.96 -2.03 32.83
C ALA B 245 6.48 -2.14 31.40
N PHE B 246 5.29 -1.58 31.14
CA PHE B 246 4.72 -1.62 29.80
C PHE B 246 3.80 -0.41 29.63
N ALA B 247 3.31 -0.25 28.40
CA ALA B 247 2.39 0.84 28.06
C ALA B 247 1.30 0.29 27.16
N THR B 248 0.14 0.95 27.20
CA THR B 248 -1.01 0.50 26.42
C THR B 248 -1.81 1.70 25.97
N GLY B 249 -2.53 1.51 24.86
CA GLY B 249 -3.43 2.53 24.33
C GLY B 249 -4.75 1.91 23.93
N SER B 250 -5.80 2.70 24.07
CA SER B 250 -7.16 2.27 23.78
C SER B 250 -7.87 3.32 22.94
N ASP B 251 -9.11 3.02 22.56
CA ASP B 251 -9.90 3.94 21.75
C ASP B 251 -10.30 5.19 22.52
N ASP B 252 -10.10 5.24 23.84
CA ASP B 252 -10.46 6.39 24.65
C ASP B 252 -9.57 7.60 24.39
N ALA B 253 -8.63 7.52 23.45
CA ALA B 253 -7.77 8.65 23.08
C ALA B 253 -6.76 8.98 24.17
N THR B 254 -6.25 7.98 24.87
CA THR B 254 -5.25 8.19 25.90
C THR B 254 -4.35 6.97 25.97
N CYS B 255 -3.16 7.18 26.55
CA CYS B 255 -2.17 6.13 26.75
C CYS B 255 -1.86 6.01 28.23
N ARG B 256 -1.74 4.77 28.72
CA ARG B 256 -1.43 4.52 30.12
C ARG B 256 -0.23 3.60 30.22
N LEU B 257 0.75 3.98 31.04
CA LEU B 257 1.95 3.19 31.27
C LEU B 257 1.92 2.66 32.70
N PHE B 258 2.06 1.35 32.83
CA PHE B 258 2.01 0.62 34.09
C PHE B 258 3.35 -0.03 34.39
N ASP B 259 3.55 -0.37 35.65
CA ASP B 259 4.75 -1.06 36.11
C ASP B 259 4.36 -2.42 36.67
N LEU B 260 5.05 -3.47 36.22
CA LEU B 260 4.76 -4.82 36.70
C LEU B 260 5.04 -4.96 38.18
N ARG B 261 6.19 -4.42 38.64
CA ARG B 261 6.60 -4.64 40.03
C ARG B 261 5.61 -4.03 41.01
N ALA B 262 5.14 -2.82 40.74
CA ALA B 262 4.19 -2.16 41.62
C ALA B 262 2.76 -2.65 41.41
N ASP B 263 2.47 -3.28 40.27
CA ASP B 263 1.14 -3.82 39.98
C ASP B 263 0.09 -2.71 40.01
N GLN B 264 0.36 -1.62 39.28
CA GLN B 264 -0.57 -0.51 39.18
C GLN B 264 -0.09 0.42 38.07
N GLU B 265 -0.90 1.44 37.79
CA GLU B 265 -0.57 2.41 36.76
C GLU B 265 0.48 3.39 37.26
N LEU B 266 1.38 3.77 36.37
CA LEU B 266 2.48 4.68 36.69
C LEU B 266 2.32 6.06 36.07
N MET B 267 1.83 6.15 34.84
CA MET B 267 1.72 7.47 34.20
C MET B 267 0.66 7.41 33.11
N THR B 268 0.12 8.60 32.78
CA THR B 268 -0.85 8.76 31.71
C THR B 268 -0.37 9.83 30.75
N TYR B 269 -0.50 9.56 29.45
CA TYR B 269 -0.16 10.51 28.39
C TYR B 269 -1.40 10.75 27.54
N SER B 270 -1.75 12.03 27.35
CA SER B 270 -2.87 12.40 26.50
C SER B 270 -2.96 13.91 26.46
N HIS B 271 -3.78 14.41 25.52
CA HIS B 271 -4.05 15.84 25.41
C HIS B 271 -5.42 16.03 24.78
N ASP B 272 -5.96 17.24 24.95
CA ASP B 272 -7.34 17.50 24.55
C ASP B 272 -7.53 17.35 23.04
N ASN B 273 -6.58 17.83 22.25
CA ASN B 273 -6.78 17.86 20.80
C ASN B 273 -7.01 16.47 20.24
N ILE B 274 -6.28 15.48 20.75
CA ILE B 274 -6.44 14.11 20.27
C ILE B 274 -7.80 13.59 20.70
N ILE B 275 -8.59 13.12 19.74
CA ILE B 275 -9.96 12.68 20.00
C ILE B 275 -10.22 11.33 19.34
N CYS B 276 -9.15 10.64 18.95
CA CYS B 276 -9.25 9.36 18.26
C CYS B 276 -8.54 8.28 19.05
N GLY B 277 -8.66 7.04 18.57
CA GLY B 277 -8.08 5.90 19.25
C GLY B 277 -6.60 5.73 18.97
N ILE B 278 -6.03 4.69 19.57
CA ILE B 278 -4.62 4.35 19.45
C ILE B 278 -4.49 3.12 18.59
N THR B 279 -3.50 3.13 17.68
CA THR B 279 -3.22 1.98 16.82
C THR B 279 -2.06 1.14 17.36
N SER B 280 -0.90 1.76 17.55
CA SER B 280 0.29 1.05 18.03
C SER B 280 1.06 1.94 18.99
N VAL B 281 1.79 1.31 19.90
CA VAL B 281 2.64 2.02 20.85
C VAL B 281 3.97 1.27 20.95
N SER B 282 5.07 2.01 21.05
CA SER B 282 6.38 1.41 21.14
C SER B 282 7.32 2.36 21.88
N PHE B 283 8.44 1.79 22.33
CA PHE B 283 9.48 2.54 23.02
C PHE B 283 10.79 2.45 22.23
N SER B 284 11.65 3.44 22.44
CA SER B 284 12.96 3.46 21.81
C SER B 284 13.94 2.68 22.68
N LYS B 285 15.23 2.70 22.31
CA LYS B 285 16.23 1.98 23.09
C LYS B 285 16.32 2.55 24.50
N SER B 286 16.30 3.88 24.64
CA SER B 286 16.37 4.49 25.96
C SER B 286 15.06 4.31 26.73
N GLY B 287 13.94 4.27 26.03
CA GLY B 287 12.63 4.21 26.66
C GLY B 287 12.04 5.56 27.01
N ARG B 288 12.78 6.65 26.82
CA ARG B 288 12.23 7.97 27.10
C ARG B 288 11.26 8.41 26.02
N LEU B 289 11.42 7.90 24.80
CA LEU B 289 10.58 8.27 23.67
C LEU B 289 9.52 7.20 23.47
N LEU B 290 8.25 7.57 23.71
CA LEU B 290 7.12 6.67 23.52
C LEU B 290 6.41 7.09 22.24
N LEU B 291 6.48 6.27 21.20
CA LEU B 291 5.88 6.58 19.91
C LEU B 291 4.55 5.84 19.80
N ALA B 292 3.46 6.59 19.61
CA ALA B 292 2.13 6.03 19.55
C ALA B 292 1.45 6.48 18.26
N GLY B 293 0.86 5.52 17.54
CA GLY B 293 0.10 5.84 16.36
C GLY B 293 -1.31 6.32 16.70
N TYR B 294 -2.01 6.78 15.67
CA TYR B 294 -3.34 7.33 15.86
C TYR B 294 -4.16 7.09 14.60
N ASP B 295 -5.48 7.21 14.75
CA ASP B 295 -6.40 7.04 13.63
C ASP B 295 -6.62 8.32 12.84
N ASP B 296 -6.00 9.43 13.25
CA ASP B 296 -6.17 10.72 12.58
C ASP B 296 -5.03 11.01 11.62
N PHE B 297 -4.43 9.97 11.04
CA PHE B 297 -3.38 10.09 10.03
C PHE B 297 -2.07 10.61 10.60
N ASN B 298 -1.87 10.50 11.92
CA ASN B 298 -0.72 11.08 12.59
C ASN B 298 -0.15 10.09 13.60
N CYS B 299 1.12 10.31 13.95
CA CYS B 299 1.77 9.60 15.04
C CYS B 299 2.45 10.62 15.94
N ASN B 300 2.46 10.33 17.24
CA ASN B 300 3.04 11.27 18.21
C ASN B 300 4.07 10.55 19.05
N VAL B 301 5.23 11.16 19.21
CA VAL B 301 6.30 10.66 20.07
C VAL B 301 6.37 11.58 21.27
N TRP B 302 6.17 11.00 22.46
CA TRP B 302 6.09 11.73 23.71
C TRP B 302 7.27 11.39 24.61
N ASP B 303 7.49 12.24 25.60
CA ASP B 303 8.49 11.98 26.64
C ASP B 303 7.88 11.00 27.64
N ALA B 304 8.43 9.79 27.69
CA ALA B 304 7.88 8.77 28.58
C ALA B 304 7.93 9.23 30.04
N LEU B 305 9.03 9.87 30.44
CA LEU B 305 9.16 10.32 31.82
C LEU B 305 8.32 11.56 32.07
N LYS B 306 8.60 12.65 31.35
CA LYS B 306 7.94 13.92 31.61
C LYS B 306 6.54 14.00 31.01
N ALA B 307 6.19 13.11 30.08
CA ALA B 307 4.85 13.05 29.49
C ALA B 307 4.48 14.38 28.85
N ASP B 308 5.28 14.76 27.84
CA ASP B 308 5.01 15.95 27.04
C ASP B 308 5.24 15.62 25.57
N ARG B 309 4.58 16.38 24.70
CA ARG B 309 4.69 16.17 23.27
C ARG B 309 6.09 16.52 22.80
N ALA B 310 6.83 15.53 22.33
CA ALA B 310 8.19 15.72 21.85
C ALA B 310 8.28 15.86 20.33
N GLY B 311 7.50 15.08 19.59
CA GLY B 311 7.55 15.16 18.14
C GLY B 311 6.31 14.58 17.51
N VAL B 312 6.11 14.93 16.24
CA VAL B 312 4.94 14.51 15.47
C VAL B 312 5.40 14.01 14.11
N LEU B 313 4.82 12.88 13.69
CA LEU B 313 5.02 12.33 12.35
C LEU B 313 3.69 12.42 11.63
N ALA B 314 3.59 13.34 10.66
CA ALA B 314 2.35 13.59 9.93
C ALA B 314 2.45 13.16 8.47
N GLY B 315 3.47 12.40 8.10
CA GLY B 315 3.63 11.95 6.73
C GLY B 315 2.79 10.73 6.43
N HIS B 316 1.49 10.91 6.27
CA HIS B 316 0.59 9.79 6.00
C HIS B 316 -0.67 10.32 5.34
N ASP B 317 -1.41 9.41 4.71
CA ASP B 317 -2.67 9.73 4.07
C ASP B 317 -3.86 8.97 4.64
N ASN B 318 -3.63 8.01 5.52
CA ASN B 318 -4.70 7.20 6.09
C ASN B 318 -4.28 6.78 7.49
N ARG B 319 -4.98 5.79 8.05
CA ARG B 319 -4.68 5.32 9.40
C ARG B 319 -3.21 4.96 9.52
N VAL B 320 -2.66 5.18 10.71
CA VAL B 320 -1.33 4.65 11.06
C VAL B 320 -1.58 3.27 11.67
N SER B 321 -1.74 2.28 10.79
CA SER B 321 -2.16 0.95 11.24
C SER B 321 -1.12 0.33 12.16
N CYS B 322 0.15 0.40 11.79
CA CYS B 322 1.22 -0.21 12.56
C CYS B 322 2.42 0.71 12.64
N LEU B 323 3.20 0.57 13.71
CA LEU B 323 4.45 1.31 13.85
C LEU B 323 5.38 0.52 14.75
N GLY B 324 6.67 0.58 14.43
CA GLY B 324 7.65 -0.20 15.17
C GLY B 324 9.01 0.47 15.18
N VAL B 325 9.83 0.04 16.14
CA VAL B 325 11.19 0.54 16.32
C VAL B 325 12.15 -0.61 16.12
N THR B 326 13.37 -0.28 15.68
CA THR B 326 14.39 -1.27 15.42
C THR B 326 15.08 -1.69 16.72
N ASP B 327 15.82 -2.79 16.65
CA ASP B 327 16.54 -3.27 17.82
C ASP B 327 17.59 -2.26 18.28
N ASP B 328 18.35 -1.70 17.34
CA ASP B 328 19.33 -0.67 17.66
C ASP B 328 18.70 0.70 17.86
N GLY B 329 17.42 0.85 17.53
CA GLY B 329 16.76 2.14 17.70
C GLY B 329 17.30 3.22 16.79
N MET B 330 17.69 2.86 15.57
CA MET B 330 18.23 3.82 14.62
C MET B 330 17.14 4.45 13.74
N ALA B 331 15.95 3.86 13.69
CA ALA B 331 14.88 4.37 12.84
C ALA B 331 13.56 3.78 13.32
N VAL B 332 12.47 4.33 12.77
CA VAL B 332 11.12 3.89 13.08
C VAL B 332 10.37 3.67 11.78
N ALA B 333 9.53 2.65 11.74
CA ALA B 333 8.73 2.32 10.56
C ALA B 333 7.25 2.47 10.90
N THR B 334 6.47 2.91 9.91
CA THR B 334 5.05 3.18 10.09
C THR B 334 4.30 2.76 8.84
N GLY B 335 3.36 1.84 8.99
CA GLY B 335 2.52 1.34 7.90
C GLY B 335 1.08 1.77 8.10
N SER B 336 0.43 2.11 6.99
CA SER B 336 -0.88 2.76 7.00
C SER B 336 -1.86 2.00 6.12
N TRP B 337 -3.11 2.47 6.11
CA TRP B 337 -4.15 1.86 5.30
C TRP B 337 -3.98 2.11 3.81
N ASP B 338 -3.22 3.13 3.43
CA ASP B 338 -3.07 3.50 2.02
C ASP B 338 -2.00 2.67 1.30
N SER B 339 -1.53 1.57 1.88
CA SER B 339 -0.55 0.70 1.28
C SER B 339 0.82 1.36 1.13
N PHE B 340 1.10 2.38 1.93
CA PHE B 340 2.37 3.09 1.89
C PHE B 340 3.08 2.93 3.22
N LEU B 341 4.36 2.54 3.18
CA LEU B 341 5.18 2.39 4.36
C LEU B 341 6.18 3.54 4.41
N LYS B 342 6.25 4.23 5.54
CA LYS B 342 7.19 5.35 5.71
C LYS B 342 8.10 5.10 6.90
N ILE B 343 9.39 5.34 6.70
CA ILE B 343 10.41 5.09 7.71
C ILE B 343 11.09 6.42 8.02
N TRP B 344 11.07 6.81 9.28
CA TRP B 344 11.68 8.02 9.80
C TRP B 344 12.86 7.66 10.69
N ASN B 345 13.55 8.69 11.18
CA ASN B 345 14.63 8.49 12.13
C ASN B 345 15.04 9.80 12.80
N VAL C 1 16.82 -30.34 -5.35
CA VAL C 1 18.03 -29.80 -6.04
C VAL C 1 18.63 -30.86 -6.95
N GLN C 2 18.62 -30.60 -8.25
CA GLN C 2 19.20 -31.52 -9.22
C GLN C 2 19.46 -30.77 -10.52
N LEU C 3 20.72 -30.75 -10.96
CA LEU C 3 21.12 -30.19 -12.24
C LEU C 3 21.86 -31.27 -13.03
N VAL C 4 21.31 -31.66 -14.17
CA VAL C 4 21.90 -32.69 -15.02
C VAL C 4 22.21 -32.07 -16.37
N GLU C 5 23.47 -32.14 -16.77
CA GLU C 5 23.94 -31.48 -17.99
C GLU C 5 24.36 -32.52 -19.02
N SER C 6 24.17 -32.16 -20.29
CA SER C 6 24.57 -33.02 -21.41
C SER C 6 24.93 -32.13 -22.59
N GLY C 7 25.56 -32.75 -23.59
CA GLY C 7 26.02 -32.05 -24.77
C GLY C 7 27.52 -31.97 -24.91
N GLY C 8 28.28 -32.53 -23.97
CA GLY C 8 29.73 -32.54 -24.07
C GLY C 8 30.21 -33.77 -24.83
N GLY C 9 31.11 -33.55 -25.77
CA GLY C 9 31.60 -34.65 -26.58
C GLY C 9 32.74 -34.21 -27.48
N LEU C 10 33.00 -35.05 -28.48
CA LEU C 10 34.07 -34.77 -29.43
C LEU C 10 33.58 -33.78 -30.49
N VAL C 11 34.38 -32.75 -30.74
CA VAL C 11 34.03 -31.70 -31.68
C VAL C 11 35.21 -31.43 -32.60
N GLN C 12 34.92 -30.80 -33.74
CA GLN C 12 35.91 -30.43 -34.73
C GLN C 12 36.22 -28.95 -34.66
N PRO C 13 37.34 -28.51 -35.22
CA PRO C 13 37.69 -27.08 -35.14
C PRO C 13 36.81 -26.26 -36.06
N GLY C 14 36.15 -25.25 -35.50
CA GLY C 14 35.31 -24.35 -36.24
C GLY C 14 33.81 -24.64 -36.12
N GLY C 15 33.45 -25.84 -35.69
CA GLY C 15 32.05 -26.18 -35.54
C GLY C 15 31.45 -25.61 -34.27
N SER C 16 30.13 -25.76 -34.15
CA SER C 16 29.38 -25.28 -32.99
C SER C 16 28.82 -26.46 -32.22
N ARG C 17 28.53 -26.23 -30.94
CA ARG C 17 27.98 -27.24 -30.06
C ARG C 17 26.92 -26.63 -29.16
N LYS C 18 26.09 -27.50 -28.61
CA LYS C 18 24.95 -27.10 -27.78
C LYS C 18 24.97 -27.89 -26.49
N LEU C 19 25.04 -27.19 -25.36
CA LEU C 19 25.00 -27.79 -24.04
C LEU C 19 23.64 -27.52 -23.41
N SER C 20 22.97 -28.59 -22.98
CA SER C 20 21.65 -28.49 -22.36
C SER C 20 21.73 -28.98 -20.93
N CYS C 21 21.26 -28.15 -20.00
CA CYS C 21 21.24 -28.48 -18.58
C CYS C 21 19.81 -28.44 -18.08
N SER C 22 19.31 -29.58 -17.61
CA SER C 22 17.99 -29.68 -17.03
C SER C 22 18.05 -29.51 -15.53
N ALA C 23 17.11 -28.74 -14.99
CA ALA C 23 17.03 -28.45 -13.57
C ALA C 23 15.72 -28.97 -13.00
N SER C 24 15.79 -29.59 -11.84
CA SER C 24 14.60 -30.11 -11.18
C SER C 24 14.79 -30.01 -9.66
N GLY C 25 13.68 -29.85 -8.95
CA GLY C 25 13.67 -29.81 -7.51
C GLY C 25 13.66 -28.41 -6.92
N PHE C 26 14.04 -27.41 -7.70
CA PHE C 26 14.07 -26.02 -7.22
C PHE C 26 13.54 -25.11 -8.31
N ALA C 27 13.02 -23.96 -7.88
CA ALA C 27 12.51 -22.97 -8.83
C ALA C 27 13.63 -22.50 -9.76
N PHE C 28 13.35 -22.49 -11.05
CA PHE C 28 14.32 -22.06 -12.05
C PHE C 28 14.13 -20.61 -12.48
N SER C 29 12.94 -20.05 -12.28
CA SER C 29 12.68 -18.67 -12.68
C SER C 29 13.27 -17.65 -11.72
N SER C 30 13.60 -18.06 -10.49
CA SER C 30 14.11 -17.15 -9.47
C SER C 30 15.61 -17.34 -9.23
N PHE C 31 16.30 -18.10 -10.06
CA PHE C 31 17.71 -18.41 -9.87
C PHE C 31 18.49 -18.02 -11.12
N GLY C 32 19.51 -17.18 -10.95
CA GLY C 32 20.45 -16.93 -12.03
C GLY C 32 21.32 -18.14 -12.28
N MET C 33 21.74 -18.28 -13.54
CA MET C 33 22.47 -19.46 -14.00
C MET C 33 23.83 -19.04 -14.54
N HIS C 34 24.88 -19.76 -14.14
CA HIS C 34 26.24 -19.51 -14.57
C HIS C 34 26.77 -20.74 -15.29
N TRP C 35 27.43 -20.52 -16.42
CA TRP C 35 28.18 -21.56 -17.11
C TRP C 35 29.66 -21.33 -16.87
N VAL C 36 30.34 -22.37 -16.39
CA VAL C 36 31.74 -22.30 -15.97
C VAL C 36 32.49 -23.43 -16.67
N ARG C 37 33.71 -23.13 -17.12
CA ARG C 37 34.55 -24.11 -17.82
C ARG C 37 35.85 -24.31 -17.06
N GLN C 38 36.32 -25.56 -17.02
CA GLN C 38 37.60 -25.90 -16.39
C GLN C 38 38.38 -26.79 -17.33
N ALA C 39 39.52 -26.32 -17.80
CA ALA C 39 40.33 -27.13 -18.71
C ALA C 39 40.87 -28.35 -17.96
N PRO C 40 41.10 -29.46 -18.69
CA PRO C 40 41.59 -30.67 -18.01
C PRO C 40 42.87 -30.39 -17.23
N GLU C 41 42.92 -30.92 -16.01
CA GLU C 41 44.05 -30.69 -15.11
C GLU C 41 44.38 -29.21 -15.01
N LYS C 42 43.33 -28.40 -14.86
CA LYS C 42 43.46 -26.95 -14.80
C LYS C 42 42.35 -26.42 -13.88
N GLY C 43 42.40 -25.10 -13.64
CA GLY C 43 41.44 -24.46 -12.77
C GLY C 43 40.13 -24.13 -13.46
N LEU C 44 39.20 -23.60 -12.67
CA LEU C 44 37.90 -23.22 -13.17
C LEU C 44 37.95 -21.86 -13.86
N GLU C 45 37.25 -21.75 -14.99
CA GLU C 45 37.16 -20.52 -15.75
C GLU C 45 35.69 -20.19 -15.99
N TRP C 46 35.31 -18.94 -15.74
CA TRP C 46 33.92 -18.52 -15.90
C TRP C 46 33.61 -18.31 -17.37
N VAL C 47 32.45 -18.82 -17.80
CA VAL C 47 32.03 -18.67 -19.20
C VAL C 47 31.00 -17.54 -19.30
N ALA C 48 29.87 -17.69 -18.62
CA ALA C 48 28.79 -16.72 -18.79
C ALA C 48 27.84 -16.76 -17.59
N TYR C 49 27.02 -15.72 -17.49
CA TYR C 49 25.99 -15.61 -16.47
C TYR C 49 24.73 -15.01 -17.07
N ILE C 50 23.58 -15.56 -16.69
CA ILE C 50 22.28 -15.03 -17.09
C ILE C 50 21.42 -14.89 -15.85
N SER C 51 20.81 -13.72 -15.68
CA SER C 51 20.00 -13.43 -14.51
C SER C 51 18.59 -14.01 -14.66
N SER C 52 17.78 -13.84 -13.62
CA SER C 52 16.44 -14.39 -13.61
C SER C 52 15.55 -13.66 -14.62
N GLY C 53 14.66 -14.43 -15.26
CA GLY C 53 13.71 -13.83 -16.18
C GLY C 53 14.30 -13.32 -17.47
N SER C 54 15.47 -13.84 -17.88
CA SER C 54 16.14 -13.38 -19.10
C SER C 54 16.39 -11.88 -19.05
N GLY C 55 16.77 -11.39 -17.88
CA GLY C 55 16.96 -9.96 -17.69
C GLY C 55 18.35 -9.47 -18.03
N THR C 56 19.36 -10.06 -17.42
CA THR C 56 20.75 -9.66 -17.62
C THR C 56 21.57 -10.83 -18.13
N ILE C 57 22.38 -10.57 -19.16
CA ILE C 57 23.24 -11.56 -19.78
C ILE C 57 24.65 -10.98 -19.88
N TYR C 58 25.63 -11.71 -19.37
CA TYR C 58 27.01 -11.24 -19.40
C TYR C 58 27.95 -12.40 -19.73
N TYR C 59 28.87 -12.16 -20.65
CA TYR C 59 29.85 -13.13 -21.09
C TYR C 59 31.25 -12.70 -20.64
N ALA C 60 32.26 -13.45 -21.06
CA ALA C 60 33.65 -13.11 -20.83
C ALA C 60 34.29 -12.63 -22.13
N ASP C 61 35.45 -11.98 -21.99
CA ASP C 61 36.12 -11.40 -23.15
C ASP C 61 36.49 -12.48 -24.17
N THR C 62 37.04 -13.59 -23.70
CA THR C 62 37.50 -14.63 -24.62
C THR C 62 36.35 -15.31 -25.36
N VAL C 63 35.13 -15.23 -24.83
CA VAL C 63 33.97 -15.88 -25.44
C VAL C 63 32.92 -14.85 -25.87
N LYS C 64 33.33 -13.61 -26.10
CA LYS C 64 32.41 -12.58 -26.57
C LYS C 64 32.20 -12.71 -28.07
N GLY C 65 30.94 -12.72 -28.49
CA GLY C 65 30.61 -12.86 -29.89
C GLY C 65 30.61 -14.27 -30.42
N ARG C 66 30.94 -15.26 -29.58
CA ARG C 66 30.98 -16.66 -29.99
C ARG C 66 30.01 -17.51 -29.20
N PHE C 67 29.98 -17.35 -27.87
CA PHE C 67 29.04 -18.09 -27.02
C PHE C 67 27.73 -17.33 -26.92
N THR C 68 26.63 -18.09 -26.86
CA THR C 68 25.32 -17.52 -26.58
C THR C 68 24.62 -18.39 -25.54
N ILE C 69 23.90 -17.75 -24.64
CA ILE C 69 23.24 -18.42 -23.51
C ILE C 69 21.76 -18.09 -23.53
N SER C 70 20.95 -19.06 -23.14
CA SER C 70 19.50 -18.88 -23.08
C SER C 70 18.93 -19.78 -22.01
N ARG C 71 17.71 -19.47 -21.57
CA ARG C 71 17.07 -20.22 -20.50
C ARG C 71 15.60 -20.42 -20.83
N ASP C 72 15.17 -21.68 -20.89
CA ASP C 72 13.76 -22.03 -21.03
C ASP C 72 13.21 -22.23 -19.64
N ASP C 73 12.52 -21.20 -19.12
CA ASP C 73 11.99 -21.26 -17.76
C ASP C 73 10.95 -22.35 -17.58
N PRO C 74 9.91 -22.46 -18.42
CA PRO C 74 8.90 -23.51 -18.18
C PRO C 74 9.48 -24.91 -18.17
N LYS C 75 10.47 -25.18 -19.03
CA LYS C 75 11.15 -26.47 -19.04
C LYS C 75 12.28 -26.53 -18.03
N ASN C 76 12.60 -25.42 -17.37
CA ASN C 76 13.68 -25.38 -16.38
C ASN C 76 15.00 -25.85 -16.99
N THR C 77 15.29 -25.35 -18.19
CA THR C 77 16.45 -25.80 -18.95
C THR C 77 17.34 -24.61 -19.30
N LEU C 78 18.63 -24.88 -19.41
CA LEU C 78 19.64 -23.88 -19.76
C LEU C 78 20.39 -24.34 -21.00
N PHE C 79 20.47 -23.48 -22.00
CA PHE C 79 21.11 -23.78 -23.27
C PHE C 79 22.33 -22.89 -23.46
N LEU C 80 23.45 -23.50 -23.82
CA LEU C 80 24.66 -22.78 -24.20
C LEU C 80 25.05 -23.23 -25.60
N GLN C 81 24.84 -22.36 -26.58
CA GLN C 81 25.21 -22.63 -27.96
C GLN C 81 26.48 -21.86 -28.26
N MET C 82 27.57 -22.59 -28.52
CA MET C 82 28.89 -22.00 -28.69
C MET C 82 29.41 -22.33 -30.08
N THR C 83 29.96 -21.33 -30.76
CA THR C 83 30.40 -21.44 -32.13
C THR C 83 31.91 -21.32 -32.24
N SER C 84 32.43 -21.75 -33.39
CA SER C 84 33.86 -21.68 -33.69
C SER C 84 34.70 -22.24 -32.55
N LEU C 85 34.34 -23.46 -32.14
CA LEU C 85 35.09 -24.12 -31.07
C LEU C 85 36.50 -24.47 -31.54
N ARG C 86 37.44 -24.41 -30.60
CA ARG C 86 38.86 -24.61 -30.90
C ARG C 86 39.49 -25.40 -29.77
N SER C 87 40.78 -25.71 -29.93
CA SER C 87 41.48 -26.55 -28.96
C SER C 87 41.56 -25.91 -27.58
N GLU C 88 41.35 -24.59 -27.49
CA GLU C 88 41.41 -23.90 -26.20
C GLU C 88 40.13 -24.05 -25.39
N ASP C 89 39.08 -24.62 -25.97
CA ASP C 89 37.77 -24.70 -25.32
C ASP C 89 37.48 -26.06 -24.70
N THR C 90 38.37 -27.03 -24.87
CA THR C 90 38.13 -28.35 -24.28
C THR C 90 38.16 -28.24 -22.76
N ALA C 91 37.12 -28.75 -22.11
CA ALA C 91 37.01 -28.54 -20.67
C ALA C 91 35.79 -29.27 -20.11
N MET C 92 35.73 -29.32 -18.78
CA MET C 92 34.54 -29.73 -18.06
C MET C 92 33.69 -28.49 -17.80
N TYR C 93 32.42 -28.56 -18.18
CA TYR C 93 31.50 -27.43 -18.11
C TYR C 93 30.45 -27.69 -17.05
N TYR C 94 30.34 -26.78 -16.08
CA TYR C 94 29.37 -26.86 -15.01
C TYR C 94 28.33 -25.76 -15.14
N CYS C 95 27.09 -26.09 -14.77
CA CYS C 95 26.02 -25.12 -14.60
C CYS C 95 25.78 -24.90 -13.12
N VAL C 96 25.80 -23.64 -12.69
CA VAL C 96 25.76 -23.27 -11.29
C VAL C 96 24.56 -22.36 -11.06
N ARG C 97 23.76 -22.69 -10.06
CA ARG C 97 22.66 -21.82 -9.66
C ARG C 97 23.16 -20.78 -8.66
N SER C 98 22.58 -19.59 -8.73
CA SER C 98 22.95 -18.50 -7.84
C SER C 98 21.72 -17.66 -7.55
N ILE C 99 21.64 -17.15 -6.33
CA ILE C 99 20.53 -16.30 -5.89
C ILE C 99 21.11 -15.08 -5.19
N TYR C 100 20.60 -13.90 -5.53
CA TYR C 100 21.17 -12.64 -5.07
C TYR C 100 20.13 -11.86 -4.28
N TYR C 101 20.44 -11.58 -3.02
CA TYR C 101 19.66 -10.70 -2.15
C TYR C 101 20.41 -10.61 -0.83
N TYR C 102 19.92 -9.74 0.05
CA TYR C 102 20.54 -9.57 1.35
C TYR C 102 20.38 -10.86 2.17
N GLY C 103 21.51 -11.42 2.60
CA GLY C 103 21.47 -12.70 3.28
C GLY C 103 21.42 -13.90 2.36
N SER C 104 21.70 -13.71 1.08
CA SER C 104 21.62 -14.81 0.11
C SER C 104 22.88 -15.66 0.17
N SER C 105 23.03 -16.57 -0.79
CA SER C 105 24.19 -17.44 -0.87
C SER C 105 24.35 -17.94 -2.31
N PRO C 106 24.85 -17.10 -3.21
CA PRO C 106 25.00 -17.53 -4.62
C PRO C 106 26.12 -18.54 -4.77
N PHE C 107 26.13 -19.18 -5.93
CA PHE C 107 27.10 -20.24 -6.24
C PHE C 107 27.02 -21.37 -5.21
N ASP C 108 25.79 -21.69 -4.78
CA ASP C 108 25.59 -22.69 -3.74
C ASP C 108 25.36 -24.10 -4.29
N PHE C 109 25.02 -24.22 -5.57
CA PHE C 109 24.77 -25.52 -6.19
C PHE C 109 25.49 -25.60 -7.52
N TRP C 110 26.11 -26.76 -7.78
CA TRP C 110 26.87 -26.98 -9.00
C TRP C 110 26.38 -28.26 -9.68
N GLY C 111 26.28 -28.23 -11.00
CA GLY C 111 25.94 -29.40 -11.76
C GLY C 111 27.11 -30.37 -11.85
N GLN C 112 26.79 -31.59 -12.29
CA GLN C 112 27.84 -32.61 -12.42
C GLN C 112 28.84 -32.24 -13.50
N GLY C 113 28.37 -31.72 -14.62
CA GLY C 113 29.23 -31.18 -15.65
C GLY C 113 29.29 -32.08 -16.88
N THR C 114 29.74 -31.48 -17.99
CA THR C 114 29.88 -32.16 -19.27
C THR C 114 31.31 -32.04 -19.76
N THR C 115 31.84 -33.13 -20.31
CA THR C 115 33.18 -33.16 -20.85
C THR C 115 33.15 -32.79 -22.33
N LEU C 116 33.82 -31.70 -22.70
CA LEU C 116 33.87 -31.21 -24.06
C LEU C 116 35.30 -31.33 -24.58
N THR C 117 35.45 -31.99 -25.73
CA THR C 117 36.74 -32.15 -26.37
C THR C 117 36.67 -31.64 -27.81
N VAL C 118 37.69 -30.91 -28.23
CA VAL C 118 37.76 -30.36 -29.58
C VAL C 118 39.16 -30.58 -30.12
N SER C 119 39.33 -31.62 -30.92
CA SER C 119 40.64 -31.97 -31.48
C SER C 119 41.62 -32.35 -30.38
N GLY C 134 45.16 -9.12 -16.21
CA GLY C 134 44.69 -9.19 -17.58
C GLY C 134 44.03 -7.90 -18.04
N SER C 135 44.72 -6.79 -17.85
CA SER C 135 44.21 -5.49 -18.28
C SER C 135 43.27 -4.87 -17.28
N ALA C 136 42.03 -5.38 -17.21
CA ALA C 136 41.02 -4.86 -16.31
C ALA C 136 40.49 -5.87 -15.32
N ASP C 137 40.67 -7.17 -15.58
CA ASP C 137 40.19 -8.19 -14.67
C ASP C 137 40.96 -8.15 -13.35
N ILE C 138 40.31 -8.62 -12.29
CA ILE C 138 40.96 -8.73 -10.99
C ILE C 138 41.82 -9.99 -10.99
N VAL C 139 43.13 -9.81 -10.79
CA VAL C 139 44.06 -10.92 -10.81
C VAL C 139 43.95 -11.65 -9.47
N MET C 140 43.33 -12.82 -9.48
CA MET C 140 43.11 -13.60 -8.26
C MET C 140 44.29 -14.53 -8.07
N THR C 141 45.28 -14.07 -7.32
CA THR C 141 46.47 -14.85 -7.06
C THR C 141 46.20 -15.88 -5.97
N GLN C 142 46.98 -16.96 -6.00
CA GLN C 142 46.96 -17.99 -4.96
C GLN C 142 48.40 -18.45 -4.77
N ALA C 143 49.09 -17.87 -3.78
CA ALA C 143 50.50 -18.16 -3.59
C ALA C 143 50.72 -19.65 -3.35
N THR C 144 49.90 -20.26 -2.50
CA THR C 144 50.01 -21.69 -2.26
C THR C 144 49.58 -22.47 -3.51
N SER C 145 50.34 -23.51 -3.83
CA SER C 145 50.06 -24.36 -4.99
C SER C 145 49.67 -25.76 -4.60
N SER C 146 50.47 -26.44 -3.79
CA SER C 146 50.17 -27.80 -3.34
C SER C 146 50.81 -27.98 -1.97
N VAL C 147 50.00 -28.00 -0.93
CA VAL C 147 50.47 -28.07 0.45
C VAL C 147 49.92 -29.34 1.08
N PRO C 148 50.70 -30.42 1.11
CA PRO C 148 50.21 -31.64 1.76
C PRO C 148 49.97 -31.40 3.25
N VAL C 149 48.92 -32.03 3.78
CA VAL C 149 48.53 -31.88 5.17
C VAL C 149 47.81 -33.13 5.61
N THR C 150 47.76 -33.35 6.93
CA THR C 150 47.22 -34.58 7.49
C THR C 150 45.96 -34.30 8.31
N PRO C 151 45.07 -35.28 8.44
CA PRO C 151 43.93 -35.11 9.33
C PRO C 151 44.36 -34.83 10.76
N GLY C 152 43.57 -34.02 11.44
CA GLY C 152 43.87 -33.65 12.82
C GLY C 152 44.79 -32.47 12.99
N GLU C 153 45.18 -31.80 11.89
CA GLU C 153 46.06 -30.66 11.94
C GLU C 153 45.38 -29.46 11.30
N SER C 154 45.37 -28.33 12.02
CA SER C 154 44.79 -27.11 11.47
C SER C 154 45.62 -26.59 10.31
N VAL C 155 44.94 -26.10 9.28
CA VAL C 155 45.61 -25.59 8.08
C VAL C 155 45.01 -24.24 7.73
N SER C 156 45.78 -23.46 6.97
CA SER C 156 45.33 -22.15 6.50
C SER C 156 45.98 -21.86 5.14
N ILE C 157 45.21 -21.21 4.27
CA ILE C 157 45.68 -20.84 2.93
C ILE C 157 45.25 -19.40 2.65
N SER C 158 46.18 -18.60 2.11
CA SER C 158 45.93 -17.19 1.84
C SER C 158 45.92 -16.93 0.33
N CYS C 159 45.02 -16.04 -0.10
CA CYS C 159 44.94 -15.61 -1.49
C CYS C 159 44.72 -14.10 -1.54
N ARG C 160 45.31 -13.47 -2.55
CA ARG C 160 45.33 -12.02 -2.70
C ARG C 160 44.49 -11.59 -3.90
N SER C 161 44.52 -10.29 -4.17
CA SER C 161 43.80 -9.71 -5.30
C SER C 161 44.54 -8.46 -5.77
N SER C 162 44.26 -8.07 -7.02
CA SER C 162 44.89 -6.87 -7.57
C SER C 162 44.28 -5.60 -7.00
N LYS C 163 43.01 -5.65 -6.62
CA LYS C 163 42.29 -4.48 -6.11
C LYS C 163 41.65 -4.83 -4.78
N SER C 164 41.51 -3.81 -3.92
CA SER C 164 40.85 -3.99 -2.64
C SER C 164 39.38 -4.33 -2.88
N LEU C 165 39.00 -5.58 -2.61
CA LEU C 165 37.66 -6.04 -2.96
C LEU C 165 36.58 -5.45 -2.06
N LEU C 166 36.95 -4.87 -0.91
CA LEU C 166 35.95 -4.29 -0.03
C LEU C 166 35.23 -3.16 -0.74
N HIS C 167 33.90 -3.18 -0.67
CA HIS C 167 33.05 -2.18 -1.29
C HIS C 167 32.52 -1.23 -0.22
N SER C 168 31.97 -0.10 -0.69
CA SER C 168 31.37 0.85 0.23
C SER C 168 30.28 0.20 1.06
N ASN C 169 29.68 -0.87 0.54
CA ASN C 169 28.65 -1.61 1.25
C ASN C 169 29.15 -2.14 2.58
N GLY C 170 30.42 -2.52 2.63
CA GLY C 170 30.97 -3.26 3.74
C GLY C 170 31.13 -4.73 3.45
N ASN C 171 30.55 -5.22 2.36
CA ASN C 171 30.71 -6.62 1.96
C ASN C 171 32.00 -6.78 1.18
N THR C 172 32.81 -7.74 1.57
CA THR C 172 33.99 -8.14 0.79
C THR C 172 33.59 -9.34 -0.04
N TYR C 173 33.59 -9.16 -1.36
CA TYR C 173 33.03 -10.13 -2.28
C TYR C 173 34.10 -11.15 -2.64
N LEU C 174 34.35 -12.07 -1.70
CA LEU C 174 35.32 -13.14 -1.86
C LEU C 174 34.65 -14.46 -1.50
N TYR C 175 34.74 -15.45 -2.39
CA TYR C 175 34.09 -16.74 -2.24
C TYR C 175 35.13 -17.85 -2.27
N TRP C 176 34.95 -18.86 -1.42
CA TRP C 176 35.85 -19.99 -1.31
C TRP C 176 35.10 -21.29 -1.63
N PHE C 177 35.65 -22.06 -2.57
CA PHE C 177 35.09 -23.32 -3.07
C PHE C 177 36.08 -24.45 -2.89
N LEU C 178 35.58 -25.69 -2.83
CA LEU C 178 36.40 -26.88 -2.74
C LEU C 178 35.95 -27.88 -3.81
N GLN C 179 36.88 -28.29 -4.67
CA GLN C 179 36.64 -29.37 -5.63
C GLN C 179 37.32 -30.64 -5.11
N ARG C 180 36.56 -31.42 -4.33
CA ARG C 180 37.07 -32.70 -3.85
C ARG C 180 37.37 -33.58 -5.06
N PRO C 181 38.37 -34.48 -4.97
CA PRO C 181 38.80 -35.23 -6.16
C PRO C 181 37.66 -35.95 -6.86
N GLY C 182 37.47 -35.64 -8.15
CA GLY C 182 36.45 -36.31 -8.93
C GLY C 182 35.04 -35.83 -8.68
N GLN C 183 34.86 -34.62 -8.18
CA GLN C 183 33.55 -34.07 -7.87
C GLN C 183 33.48 -32.64 -8.40
N SER C 184 32.29 -32.06 -8.33
CA SER C 184 32.11 -30.66 -8.72
C SER C 184 32.49 -29.75 -7.57
N PRO C 185 32.83 -28.49 -7.86
CA PRO C 185 33.19 -27.56 -6.79
C PRO C 185 32.01 -27.31 -5.85
N GLN C 186 32.35 -27.00 -4.60
CA GLN C 186 31.37 -26.82 -3.54
C GLN C 186 31.66 -25.50 -2.83
N LEU C 187 30.63 -24.66 -2.68
CA LEU C 187 30.80 -23.43 -1.93
C LEU C 187 31.09 -23.76 -0.47
N LEU C 188 32.19 -23.21 0.04
CA LEU C 188 32.50 -23.30 1.45
C LEU C 188 32.19 -22.00 2.17
N ILE C 189 32.69 -20.87 1.68
CA ILE C 189 32.54 -19.59 2.36
C ILE C 189 32.10 -18.54 1.35
N TYR C 190 31.13 -17.71 1.72
CA TYR C 190 30.67 -16.62 0.85
C TYR C 190 30.86 -15.27 1.53
N ARG C 191 31.13 -14.25 0.71
CA ARG C 191 31.37 -12.88 1.15
C ARG C 191 32.39 -12.82 2.29
N MET C 192 33.47 -13.62 2.13
CA MET C 192 34.70 -13.66 2.92
C MET C 192 34.61 -14.35 4.27
N SER C 193 33.44 -14.38 4.89
CA SER C 193 33.35 -14.93 6.24
C SER C 193 32.13 -15.81 6.46
N ASN C 194 31.05 -15.54 5.75
CA ASN C 194 29.82 -16.29 5.96
C ASN C 194 30.01 -17.73 5.51
N LEU C 195 29.64 -18.66 6.38
CA LEU C 195 29.84 -20.08 6.14
C LEU C 195 28.60 -20.65 5.45
N ALA C 196 28.84 -21.45 4.41
CA ALA C 196 27.75 -21.96 3.60
C ALA C 196 26.96 -23.04 4.33
N SER C 197 25.76 -23.32 3.84
CA SER C 197 24.89 -24.29 4.50
C SER C 197 25.38 -25.70 4.24
N GLY C 198 25.52 -26.48 5.32
CA GLY C 198 25.95 -27.86 5.23
C GLY C 198 27.44 -28.09 5.29
N VAL C 199 28.24 -27.03 5.39
CA VAL C 199 29.70 -27.18 5.41
C VAL C 199 30.15 -27.20 6.88
N PRO C 200 31.15 -27.99 7.23
CA PRO C 200 31.56 -28.09 8.64
C PRO C 200 32.06 -26.75 9.17
N ASP C 201 31.89 -26.55 10.49
CA ASP C 201 32.39 -25.35 11.13
C ASP C 201 33.91 -25.35 11.29
N ARG C 202 34.57 -26.48 11.02
CA ARG C 202 36.04 -26.47 10.95
C ARG C 202 36.50 -25.37 10.01
N PHE C 203 35.81 -25.24 8.88
CA PHE C 203 36.18 -24.25 7.87
C PHE C 203 35.80 -22.86 8.36
N SER C 204 36.72 -21.91 8.19
CA SER C 204 36.47 -20.52 8.58
C SER C 204 37.27 -19.62 7.66
N GLY C 205 36.72 -18.45 7.34
CA GLY C 205 37.38 -17.53 6.43
C GLY C 205 37.51 -16.15 7.03
N SER C 206 38.62 -15.49 6.71
CA SER C 206 38.88 -14.14 7.21
C SER C 206 39.75 -13.41 6.19
N GLY C 207 40.01 -12.15 6.46
CA GLY C 207 40.94 -11.39 5.66
C GLY C 207 40.59 -9.92 5.62
N SER C 208 41.36 -9.20 4.81
CA SER C 208 41.14 -7.78 4.56
C SER C 208 41.05 -7.56 3.05
N GLY C 209 40.77 -6.32 2.68
CA GLY C 209 40.45 -5.96 1.30
C GLY C 209 41.22 -6.70 0.23
N THR C 210 42.53 -6.85 0.40
CA THR C 210 43.38 -7.39 -0.64
C THR C 210 44.13 -8.65 -0.21
N ALA C 211 43.81 -9.22 0.95
CA ALA C 211 44.45 -10.47 1.38
C ALA C 211 43.48 -11.24 2.26
N PHE C 212 43.18 -12.47 1.87
CA PHE C 212 42.19 -13.32 2.51
C PHE C 212 42.80 -14.67 2.86
N THR C 213 42.10 -15.42 3.72
CA THR C 213 42.61 -16.69 4.21
C THR C 213 41.46 -17.61 4.60
N LEU C 214 41.69 -18.91 4.42
CA LEU C 214 40.74 -19.97 4.76
C LEU C 214 41.45 -20.97 5.66
N THR C 215 40.87 -21.25 6.82
CA THR C 215 41.47 -22.11 7.83
C THR C 215 40.53 -23.28 8.10
N ILE C 216 41.07 -24.50 8.00
CA ILE C 216 40.35 -25.73 8.32
C ILE C 216 40.91 -26.21 9.66
N SER C 217 40.06 -26.21 10.68
CA SER C 217 40.50 -26.46 12.05
C SER C 217 41.08 -27.86 12.21
N ARG C 218 40.27 -28.88 11.98
CA ARG C 218 40.67 -30.28 12.17
C ARG C 218 40.50 -30.99 10.83
N LEU C 219 41.59 -31.08 10.08
CA LEU C 219 41.54 -31.67 8.75
C LEU C 219 40.99 -33.09 8.81
N GLU C 220 40.34 -33.49 7.72
CA GLU C 220 39.77 -34.83 7.59
C GLU C 220 39.94 -35.27 6.14
N ALA C 221 39.65 -36.55 5.89
CA ALA C 221 39.75 -37.07 4.53
C ALA C 221 38.85 -36.28 3.58
N GLU C 222 37.69 -35.85 4.05
CA GLU C 222 36.77 -35.09 3.21
C GLU C 222 37.34 -33.72 2.83
N ASP C 223 38.26 -33.20 3.64
CA ASP C 223 38.79 -31.86 3.45
C ASP C 223 40.01 -31.83 2.53
N VAL C 224 40.09 -32.77 1.59
CA VAL C 224 41.21 -32.90 0.68
C VAL C 224 40.74 -32.62 -0.74
N GLY C 225 41.46 -31.75 -1.44
CA GLY C 225 41.10 -31.35 -2.78
C GLY C 225 41.71 -30.00 -3.09
N VAL C 226 41.37 -29.48 -4.27
CA VAL C 226 41.78 -28.12 -4.62
C VAL C 226 40.80 -27.12 -4.03
N TYR C 227 41.33 -26.02 -3.51
CA TYR C 227 40.52 -24.95 -2.95
C TYR C 227 40.71 -23.70 -3.79
N TYR C 228 39.61 -23.08 -4.19
CA TYR C 228 39.60 -21.96 -5.12
C TYR C 228 39.00 -20.72 -4.45
N CYS C 229 39.49 -19.55 -4.85
CA CYS C 229 39.09 -18.27 -4.28
C CYS C 229 38.70 -17.31 -5.41
N MET C 230 37.45 -16.85 -5.39
CA MET C 230 36.83 -16.09 -6.48
C MET C 230 36.37 -14.73 -5.97
N GLN C 231 36.34 -13.75 -6.89
CA GLN C 231 35.83 -12.41 -6.60
C GLN C 231 34.37 -12.28 -7.03
N HIS C 232 33.73 -11.18 -6.59
CA HIS C 232 32.36 -10.90 -7.06
C HIS C 232 32.08 -9.41 -7.25
N LEU C 233 33.08 -8.62 -7.66
CA LEU C 233 32.83 -7.21 -7.96
C LEU C 233 32.58 -6.97 -9.45
N GLU C 234 33.54 -7.35 -10.29
CA GLU C 234 33.42 -7.17 -11.73
C GLU C 234 32.75 -8.39 -12.35
N TYR C 235 31.93 -8.14 -13.36
CA TYR C 235 31.14 -9.19 -14.01
C TYR C 235 32.00 -10.35 -14.49
N PRO C 236 33.25 -10.11 -14.98
CA PRO C 236 34.12 -11.26 -15.29
C PRO C 236 34.08 -12.36 -14.25
N LEU C 237 33.87 -12.02 -12.98
CA LEU C 237 33.76 -13.02 -11.91
C LEU C 237 34.94 -13.98 -11.97
N THR C 238 36.15 -13.43 -11.91
CA THR C 238 37.34 -14.22 -12.14
C THR C 238 37.60 -15.16 -10.97
N PHE C 239 38.11 -16.35 -11.29
CA PHE C 239 38.40 -17.38 -10.30
C PHE C 239 39.89 -17.38 -9.94
N GLY C 240 40.19 -17.96 -8.79
CA GLY C 240 41.56 -18.13 -8.36
C GLY C 240 42.24 -19.30 -9.04
N ALA C 241 43.57 -19.35 -8.88
CA ALA C 241 44.36 -20.36 -9.58
C ALA C 241 44.21 -21.75 -8.99
N GLY C 242 44.20 -21.87 -7.66
CA GLY C 242 44.01 -23.17 -7.03
C GLY C 242 45.10 -23.54 -6.03
N THR C 243 44.73 -24.30 -5.00
CA THR C 243 45.67 -24.77 -3.98
C THR C 243 45.23 -26.18 -3.58
N LYS C 244 45.98 -27.18 -4.02
CA LYS C 244 45.66 -28.57 -3.74
C LYS C 244 46.11 -28.98 -2.33
N LEU C 245 45.39 -29.93 -1.75
CA LEU C 245 45.77 -30.58 -0.51
C LEU C 245 45.92 -32.08 -0.75
N GLU C 246 46.85 -32.70 -0.04
CA GLU C 246 47.12 -34.12 -0.16
C GLU C 246 46.81 -34.83 1.16
N LEU C 247 46.59 -36.14 1.07
CA LEU C 247 46.29 -36.95 2.24
C LEU C 247 47.51 -37.08 3.14
N THR D 5 -22.66 -26.92 38.49
CA THR D 5 -22.98 -26.09 37.31
C THR D 5 -21.74 -25.36 36.80
N ALA D 6 -21.90 -24.66 35.67
CA ALA D 6 -20.80 -23.85 35.16
C ALA D 6 -20.58 -22.61 36.00
N SER D 7 -21.64 -22.06 36.59
CA SER D 7 -21.52 -20.84 37.38
C SER D 7 -20.60 -21.05 38.59
N ILE D 8 -20.79 -22.16 39.30
CA ILE D 8 -19.99 -22.41 40.50
C ILE D 8 -18.51 -22.60 40.13
N ALA D 9 -18.24 -23.35 39.05
CA ALA D 9 -16.87 -23.57 38.64
C ALA D 9 -16.21 -22.26 38.23
N GLN D 10 -16.91 -21.45 37.44
CA GLN D 10 -16.36 -20.17 37.01
C GLN D 10 -16.09 -19.27 38.22
N ALA D 11 -17.03 -19.22 39.16
CA ALA D 11 -16.86 -18.37 40.33
C ALA D 11 -15.67 -18.81 41.16
N ARG D 12 -15.53 -20.13 41.39
CA ARG D 12 -14.41 -20.61 42.18
C ARG D 12 -13.08 -20.33 41.49
N LYS D 13 -13.02 -20.54 40.17
CA LYS D 13 -11.79 -20.25 39.44
C LYS D 13 -11.43 -18.77 39.55
N LEU D 14 -12.42 -17.89 39.40
CA LEU D 14 -12.17 -16.45 39.51
C LEU D 14 -11.68 -16.08 40.91
N VAL D 15 -12.28 -16.67 41.94
CA VAL D 15 -11.89 -16.38 43.31
C VAL D 15 -10.44 -16.79 43.56
N GLU D 16 -10.08 -18.00 43.11
CA GLU D 16 -8.70 -18.46 43.26
C GLU D 16 -7.74 -17.54 42.51
N GLN D 17 -8.13 -17.10 41.31
CA GLN D 17 -7.29 -16.19 40.54
C GLN D 17 -7.04 -14.89 41.30
N LEU D 18 -8.11 -14.27 41.80
CA LEU D 18 -7.96 -13.03 42.54
C LEU D 18 -7.04 -13.22 43.74
N LYS D 19 -7.17 -14.36 44.43
CA LYS D 19 -6.25 -14.64 45.52
C LYS D 19 -4.81 -14.62 45.03
N MET D 20 -4.53 -15.26 43.88
CA MET D 20 -3.16 -15.27 43.42
C MET D 20 -2.66 -13.88 43.05
N GLU D 21 -3.53 -13.02 42.52
CA GLU D 21 -3.11 -11.67 42.17
C GLU D 21 -3.02 -10.74 43.38
N ALA D 22 -3.58 -11.12 44.52
CA ALA D 22 -3.59 -10.26 45.70
C ALA D 22 -2.45 -10.53 46.67
N ASN D 23 -2.11 -11.80 46.90
CA ASN D 23 -1.12 -12.17 47.92
C ASN D 23 0.27 -12.26 47.29
N ILE D 24 0.79 -11.11 46.90
CA ILE D 24 2.09 -11.02 46.23
C ILE D 24 2.82 -9.78 46.74
N ASP D 25 4.14 -9.90 46.85
CA ASP D 25 4.96 -8.76 47.26
C ASP D 25 4.90 -7.65 46.22
N ARG D 26 4.84 -6.41 46.69
CA ARG D 26 4.81 -5.24 45.82
C ARG D 26 5.74 -4.17 46.40
N ILE D 27 6.23 -3.32 45.51
CA ILE D 27 7.14 -2.24 45.88
C ILE D 27 6.46 -0.90 45.62
N LYS D 28 7.02 0.14 46.24
CA LYS D 28 6.44 1.47 46.16
C LYS D 28 6.71 2.10 44.79
N VAL D 29 5.83 3.02 44.41
CA VAL D 29 5.93 3.66 43.10
C VAL D 29 7.21 4.49 43.00
N SER D 30 7.70 5.01 44.13
CA SER D 30 8.93 5.81 44.09
C SER D 30 10.11 4.99 43.59
N LYS D 31 10.22 3.74 44.05
CA LYS D 31 11.30 2.88 43.58
C LYS D 31 11.20 2.62 42.09
N ALA D 32 9.99 2.36 41.58
CA ALA D 32 9.81 2.14 40.15
C ALA D 32 10.19 3.38 39.36
N ALA D 33 9.76 4.55 39.83
CA ALA D 33 10.13 5.81 39.17
C ALA D 33 11.64 5.95 39.11
N ALA D 34 12.31 5.74 40.25
CA ALA D 34 13.76 5.88 40.29
C ALA D 34 14.43 4.92 39.32
N ASP D 35 13.98 3.66 39.30
CA ASP D 35 14.60 2.67 38.42
C ASP D 35 14.40 3.03 36.96
N LEU D 36 13.18 3.43 36.58
CA LEU D 36 12.93 3.78 35.18
C LEU D 36 13.72 5.00 34.76
N MET D 37 13.79 6.03 35.63
CA MET D 37 14.58 7.20 35.29
C MET D 37 16.05 6.85 35.16
N ALA D 38 16.56 5.99 36.05
CA ALA D 38 17.96 5.57 35.94
C ALA D 38 18.21 4.82 34.64
N TYR D 39 17.30 3.92 34.26
CA TYR D 39 17.48 3.18 33.02
C TYR D 39 17.47 4.12 31.82
N CYS D 40 16.52 5.06 31.79
CA CYS D 40 16.46 6.00 30.68
C CYS D 40 17.72 6.85 30.62
N GLU D 41 18.18 7.35 31.77
CA GLU D 41 19.36 8.20 31.80
C GLU D 41 20.61 7.44 31.34
N ALA D 42 20.80 6.22 31.84
CA ALA D 42 21.99 5.45 31.48
C ALA D 42 22.01 5.14 29.99
N HIS D 43 20.88 4.75 29.42
CA HIS D 43 20.77 4.44 28.01
C HIS D 43 20.32 5.65 27.18
N ALA D 44 20.19 6.83 27.80
CA ALA D 44 19.86 8.02 27.03
C ALA D 44 20.93 8.32 25.99
N LYS D 45 22.16 7.89 26.23
CA LYS D 45 23.27 8.12 25.31
C LYS D 45 23.40 7.02 24.26
N GLU D 46 22.48 6.05 24.23
CA GLU D 46 22.51 4.96 23.27
C GLU D 46 21.18 4.82 22.53
N ASP D 47 20.47 5.93 22.35
CA ASP D 47 19.19 5.94 21.63
C ASP D 47 19.30 6.91 20.47
N PRO D 48 19.56 6.44 19.24
CA PRO D 48 19.65 7.38 18.11
C PRO D 48 18.41 8.22 17.92
N LEU D 49 17.23 7.66 18.15
CA LEU D 49 16.00 8.42 17.93
C LEU D 49 15.94 9.65 18.82
N LEU D 50 16.25 9.49 20.11
CA LEU D 50 16.25 10.63 21.02
C LEU D 50 17.44 11.55 20.74
N THR D 51 18.62 10.97 20.52
CA THR D 51 19.83 11.74 20.23
C THR D 51 20.24 11.47 18.79
N PRO D 52 19.95 12.37 17.85
CA PRO D 52 20.35 12.13 16.46
C PRO D 52 21.85 11.93 16.34
N VAL D 53 22.25 11.00 15.48
CA VAL D 53 23.66 10.70 15.23
C VAL D 53 24.09 11.42 13.97
N PRO D 54 25.39 11.61 13.73
CA PRO D 54 25.83 12.30 12.51
C PRO D 54 25.42 11.53 11.26
N ALA D 55 25.27 12.27 10.16
CA ALA D 55 24.86 11.66 8.89
C ALA D 55 25.80 10.51 8.51
N SER D 56 27.09 10.65 8.83
CA SER D 56 28.02 9.56 8.57
C SER D 56 27.65 8.31 9.36
N GLU D 57 27.06 8.47 10.53
CA GLU D 57 26.65 7.35 11.37
C GLU D 57 25.21 6.93 11.12
N ASN D 58 24.50 7.56 10.19
CA ASN D 58 23.11 7.24 9.93
C ASN D 58 23.04 6.28 8.75
N PRO D 59 22.72 5.00 8.96
CA PRO D 59 22.57 4.09 7.80
C PRO D 59 21.51 4.55 6.83
N PHE D 60 20.45 5.21 7.32
CA PHE D 60 19.34 5.60 6.46
C PHE D 60 19.58 6.91 5.72
N ARG D 61 20.62 7.66 6.08
CA ARG D 61 20.97 8.90 5.39
C ARG D 61 22.49 8.89 5.19
N GLU D 62 22.93 8.29 4.09
CA GLU D 62 24.35 8.15 3.77
C GLU D 62 25.20 7.89 5.02
N CYS E 30 -7.17 49.73 -35.10
CA CYS E 30 -8.22 50.41 -35.85
C CYS E 30 -8.71 51.63 -35.10
N SER E 31 -9.64 52.36 -35.71
CA SER E 31 -10.25 53.50 -35.05
C SER E 31 -10.79 53.09 -33.68
N PRO E 32 -10.29 53.65 -32.59
CA PRO E 32 -10.79 53.23 -31.27
C PRO E 32 -12.28 53.50 -31.14
N PHE E 33 -12.94 52.66 -30.35
CA PHE E 33 -14.38 52.74 -30.22
C PHE E 33 -14.76 54.01 -29.46
N PRO E 34 -15.99 54.49 -29.64
CA PRO E 34 -16.47 55.61 -28.82
C PRO E 34 -16.60 55.19 -27.36
N LEU E 35 -16.63 56.20 -26.48
CA LEU E 35 -16.84 55.96 -25.06
C LEU E 35 -17.96 54.93 -24.85
N GLY E 36 -19.17 55.30 -25.25
CA GLY E 36 -20.23 54.36 -25.59
C GLY E 36 -20.26 53.08 -24.79
N ALA E 37 -20.23 51.95 -25.51
CA ALA E 37 -20.11 50.64 -24.90
C ALA E 37 -18.67 50.24 -24.61
N LEU E 38 -17.70 51.06 -25.04
CA LEU E 38 -16.30 50.77 -24.71
C LEU E 38 -16.10 50.76 -23.21
N VAL E 39 -16.52 51.82 -22.51
CA VAL E 39 -16.33 51.88 -21.06
C VAL E 39 -17.09 50.78 -20.36
N PRO E 40 -18.37 50.49 -20.66
CA PRO E 40 -19.01 49.32 -20.08
C PRO E 40 -18.27 48.03 -20.37
N VAL E 41 -17.71 47.89 -21.57
CA VAL E 41 -16.92 46.69 -21.87
C VAL E 41 -15.72 46.59 -20.95
N THR E 42 -15.06 47.72 -20.69
CA THR E 42 -13.95 47.74 -19.74
C THR E 42 -14.40 47.33 -18.34
N ALA E 43 -15.53 47.86 -17.89
CA ALA E 43 -16.01 47.52 -16.55
C ALA E 43 -16.30 46.03 -16.44
N VAL E 44 -17.01 45.48 -17.44
CA VAL E 44 -17.29 44.05 -17.43
C VAL E 44 -16.00 43.26 -17.52
N CYS E 45 -15.00 43.78 -18.22
CA CYS E 45 -13.71 43.12 -18.26
C CYS E 45 -13.10 43.03 -16.88
N LEU E 46 -13.16 44.13 -16.11
CA LEU E 46 -12.64 44.09 -14.75
C LEU E 46 -13.41 43.08 -13.90
N CYS E 47 -14.75 43.07 -14.01
CA CYS E 47 -15.54 42.14 -13.21
C CYS E 47 -15.20 40.69 -13.55
N LEU E 48 -15.14 40.37 -14.85
CA LEU E 48 -14.80 39.01 -15.26
C LEU E 48 -13.39 38.65 -14.84
N PHE E 49 -12.46 39.60 -14.96
CA PHE E 49 -11.09 39.38 -14.51
C PHE E 49 -11.06 38.97 -13.05
N VAL E 50 -11.74 39.75 -12.19
CA VAL E 50 -11.72 39.46 -10.75
C VAL E 50 -12.37 38.12 -10.48
N VAL E 51 -13.52 37.86 -11.09
CA VAL E 51 -14.23 36.60 -10.83
C VAL E 51 -13.37 35.42 -11.24
N GLY E 52 -12.78 35.48 -12.44
CA GLY E 52 -11.98 34.37 -12.92
C GLY E 52 -10.74 34.13 -12.09
N VAL E 53 -10.01 35.19 -11.74
CA VAL E 53 -8.81 35.01 -10.93
C VAL E 53 -9.18 34.44 -9.57
N SER E 54 -10.23 34.97 -8.94
CA SER E 54 -10.64 34.44 -7.64
C SER E 54 -10.96 32.95 -7.75
N GLY E 55 -11.78 32.57 -8.72
CA GLY E 55 -12.18 31.18 -8.83
C GLY E 55 -11.00 30.26 -9.11
N ASN E 56 -10.15 30.65 -10.06
CA ASN E 56 -9.03 29.79 -10.44
C ASN E 56 -8.01 29.68 -9.31
N VAL E 57 -7.72 30.80 -8.62
CA VAL E 57 -6.79 30.75 -7.49
C VAL E 57 -7.35 29.88 -6.38
N VAL E 58 -8.65 30.00 -6.09
CA VAL E 58 -9.27 29.18 -5.06
C VAL E 58 -9.15 27.71 -5.42
N THR E 59 -9.45 27.37 -6.68
CA THR E 59 -9.35 25.98 -7.11
C THR E 59 -7.92 25.45 -6.95
N VAL E 60 -6.94 26.19 -7.47
CA VAL E 60 -5.55 25.75 -7.41
C VAL E 60 -5.13 25.56 -5.96
N MET E 61 -5.53 26.48 -5.08
CA MET E 61 -5.23 26.32 -3.66
C MET E 61 -5.85 25.03 -3.12
N LEU E 62 -7.16 24.87 -3.27
CA LEU E 62 -7.82 23.71 -2.69
C LEU E 62 -7.23 22.41 -3.19
N ILE E 63 -6.68 22.39 -4.40
CA ILE E 63 -6.04 21.18 -4.91
C ILE E 63 -4.59 21.06 -4.45
N GLY E 64 -3.97 22.15 -3.99
CA GLY E 64 -2.61 22.07 -3.48
C GLY E 64 -2.50 21.90 -1.98
N ARG E 65 -3.53 22.27 -1.22
CA ARG E 65 -3.50 22.28 0.23
C ARG E 65 -4.14 21.04 0.85
N TYR E 66 -4.62 20.11 0.01
CA TYR E 66 -5.31 18.92 0.46
C TYR E 66 -4.85 17.76 -0.43
N ARG E 67 -5.30 16.55 -0.11
CA ARG E 67 -4.86 15.38 -0.87
C ARG E 67 -6.01 14.52 -1.38
N ASP E 68 -7.13 14.48 -0.66
CA ASP E 68 -8.30 13.77 -1.18
C ASP E 68 -8.89 14.47 -2.39
N MET E 69 -8.58 15.76 -2.58
CA MET E 69 -9.07 16.54 -3.71
C MET E 69 -8.04 16.62 -4.84
N ARG E 70 -7.04 15.74 -4.84
CA ARG E 70 -5.98 15.73 -5.83
C ARG E 70 -6.09 14.53 -6.76
N THR E 71 -7.32 14.17 -7.13
CA THR E 71 -7.55 13.00 -7.96
C THR E 71 -7.28 13.33 -9.43
N THR E 72 -7.41 12.31 -10.29
CA THR E 72 -7.14 12.50 -11.71
C THR E 72 -8.04 13.58 -12.30
N THR E 73 -9.35 13.47 -12.05
CA THR E 73 -10.27 14.51 -12.49
C THR E 73 -9.87 15.85 -11.92
N ASN E 74 -9.66 15.91 -10.60
CA ASN E 74 -9.24 17.16 -9.96
C ASN E 74 -7.91 17.64 -10.52
N LEU E 75 -7.05 16.73 -10.98
CA LEU E 75 -5.80 17.16 -11.62
C LEU E 75 -6.07 17.83 -12.95
N TYR E 76 -6.99 17.28 -13.75
CA TYR E 76 -7.39 17.95 -14.97
C TYR E 76 -7.96 19.33 -14.66
N LEU E 77 -8.79 19.43 -13.62
CA LEU E 77 -9.36 20.72 -13.25
C LEU E 77 -8.28 21.70 -12.81
N GLY E 78 -7.25 21.21 -12.10
CA GLY E 78 -6.16 22.09 -11.71
C GLY E 78 -5.36 22.60 -12.90
N SER E 79 -5.09 21.71 -13.86
CA SER E 79 -4.43 22.14 -15.09
C SER E 79 -5.26 23.21 -15.79
N MET E 80 -6.57 22.98 -15.90
CA MET E 80 -7.44 23.96 -16.52
C MET E 80 -7.44 25.27 -15.75
N ALA E 81 -7.41 25.19 -14.41
CA ALA E 81 -7.47 26.39 -13.59
C ALA E 81 -6.20 27.23 -13.78
N VAL E 82 -5.04 26.59 -13.81
CA VAL E 82 -3.81 27.36 -14.01
C VAL E 82 -3.75 27.92 -15.43
N SER E 83 -4.21 27.14 -16.41
CA SER E 83 -4.28 27.66 -17.78
C SER E 83 -5.22 28.86 -17.86
N ASP E 84 -6.34 28.80 -17.15
CA ASP E 84 -7.31 29.89 -17.20
C ASP E 84 -6.79 31.12 -16.46
N LEU E 85 -6.01 30.92 -15.39
CA LEU E 85 -5.35 32.05 -14.75
C LEU E 85 -4.36 32.71 -15.71
N LEU E 86 -3.60 31.90 -16.44
CA LEU E 86 -2.69 32.45 -17.43
C LEU E 86 -3.46 33.23 -18.49
N ILE E 87 -4.61 32.69 -18.91
CA ILE E 87 -5.45 33.40 -19.88
C ILE E 87 -5.90 34.74 -19.31
N LEU E 88 -6.44 34.72 -18.10
CA LEU E 88 -6.98 35.95 -17.50
C LEU E 88 -5.89 36.97 -17.29
N LEU E 89 -4.64 36.52 -17.11
CA LEU E 89 -3.53 37.46 -17.04
C LEU E 89 -3.29 38.18 -18.35
N GLY E 90 -3.91 37.72 -19.44
CA GLY E 90 -3.92 38.45 -20.70
C GLY E 90 -4.95 39.54 -20.76
N LEU E 91 -5.76 39.70 -19.72
CA LEU E 91 -6.77 40.77 -19.71
C LEU E 91 -6.16 42.15 -19.85
N PRO E 92 -5.13 42.54 -19.08
CA PRO E 92 -4.69 43.94 -19.14
C PRO E 92 -4.05 44.32 -20.45
N PHE E 93 -3.27 43.44 -21.08
CA PHE E 93 -2.63 43.78 -22.34
C PHE E 93 -3.66 43.91 -23.47
N ASP E 94 -4.56 42.92 -23.58
CA ASP E 94 -5.59 42.99 -24.61
C ASP E 94 -6.56 44.13 -24.36
N LEU E 95 -6.74 44.51 -23.10
CA LEU E 95 -7.55 45.68 -22.78
C LEU E 95 -6.80 46.97 -23.10
N TYR E 96 -5.48 46.96 -22.97
CA TYR E 96 -4.68 48.12 -23.35
C TYR E 96 -4.79 48.37 -24.84
N ARG E 97 -4.66 47.32 -25.65
CA ARG E 97 -4.76 47.51 -27.10
C ARG E 97 -6.14 47.95 -27.54
N LEU E 98 -7.15 47.82 -26.67
CA LEU E 98 -8.52 48.23 -26.98
C LEU E 98 -8.84 49.63 -26.46
N TRP E 99 -8.74 49.84 -25.15
CA TRP E 99 -8.91 51.17 -24.58
C TRP E 99 -7.96 52.15 -25.25
N ARG E 100 -6.67 51.86 -25.20
CA ARG E 100 -5.70 52.57 -26.02
C ARG E 100 -5.84 52.13 -27.47
N SER E 101 -5.46 53.03 -28.38
CA SER E 101 -5.48 52.77 -29.80
C SER E 101 -4.22 51.99 -30.18
N ARG E 102 -3.89 51.97 -31.48
CA ARG E 102 -2.84 51.12 -32.01
C ARG E 102 -1.47 51.33 -31.37
N PRO E 103 -1.04 52.57 -31.03
CA PRO E 103 0.36 52.76 -30.63
C PRO E 103 0.82 51.75 -29.58
N TRP E 104 1.74 50.88 -29.99
CA TRP E 104 2.26 49.81 -29.14
C TRP E 104 3.72 50.09 -28.82
N VAL E 105 4.06 50.09 -27.54
CA VAL E 105 5.39 50.48 -27.08
C VAL E 105 6.08 49.37 -26.30
N PHE E 106 5.45 48.20 -26.18
CA PHE E 106 6.02 47.10 -25.42
C PHE E 106 7.02 46.29 -26.24
N GLY E 107 7.13 46.56 -27.53
CA GLY E 107 8.12 45.93 -28.36
C GLY E 107 7.63 44.64 -28.98
N PRO E 108 8.29 44.23 -30.06
CA PRO E 108 7.91 42.98 -30.73
C PRO E 108 7.96 41.80 -29.79
N LEU E 109 8.88 41.80 -28.83
CA LEU E 109 9.01 40.66 -27.90
C LEU E 109 7.77 40.55 -27.01
N LEU E 110 7.37 41.64 -26.37
CA LEU E 110 6.23 41.56 -25.46
C LEU E 110 4.93 41.29 -26.21
N CYS E 111 4.76 41.86 -27.41
CA CYS E 111 3.55 41.53 -28.16
C CYS E 111 3.55 40.06 -28.59
N ARG E 112 4.68 39.60 -29.10
CA ARG E 112 4.84 38.21 -29.49
C ARG E 112 4.47 37.28 -28.35
N LEU E 113 5.00 37.55 -27.16
CA LEU E 113 4.70 36.76 -25.99
C LEU E 113 3.23 36.84 -25.62
N SER E 114 2.61 38.01 -25.75
CA SER E 114 1.18 38.10 -25.52
C SER E 114 0.43 37.06 -26.35
N LEU E 115 0.63 37.12 -27.67
CA LEU E 115 -0.14 36.24 -28.55
C LEU E 115 0.22 34.77 -28.38
N TYR E 116 1.46 34.46 -27.99
CA TYR E 116 1.80 33.05 -27.79
C TYR E 116 1.24 32.48 -26.49
N VAL E 117 1.41 33.18 -25.37
CA VAL E 117 0.88 32.63 -24.12
C VAL E 117 -0.63 32.51 -24.20
N GLY E 118 -1.33 33.51 -24.76
CA GLY E 118 -2.78 33.42 -24.82
C GLY E 118 -3.26 32.23 -25.63
N GLU E 119 -2.71 32.07 -26.84
CA GLU E 119 -3.11 30.96 -27.70
C GLU E 119 -2.81 29.61 -27.04
N GLY E 120 -1.59 29.46 -26.51
CA GLY E 120 -1.24 28.19 -25.91
C GLY E 120 -2.15 27.83 -24.75
N CYS E 121 -2.45 28.80 -23.89
CA CYS E 121 -3.31 28.51 -22.74
C CYS E 121 -4.73 28.18 -23.17
N THR E 122 -5.27 28.92 -24.15
CA THR E 122 -6.61 28.62 -24.64
C THR E 122 -6.69 27.21 -25.19
N TYR E 123 -5.67 26.81 -25.96
CA TYR E 123 -5.76 25.50 -26.59
C TYR E 123 -5.50 24.39 -25.58
N ALA E 124 -4.66 24.65 -24.58
CA ALA E 124 -4.49 23.69 -23.50
C ALA E 124 -5.79 23.48 -22.73
N THR E 125 -6.53 24.56 -22.47
CA THR E 125 -7.78 24.39 -21.72
C THR E 125 -8.84 23.70 -22.57
N LEU E 126 -8.87 23.97 -23.88
CA LEU E 126 -9.77 23.21 -24.74
C LEU E 126 -9.44 21.73 -24.73
N LEU E 127 -8.15 21.40 -24.83
CA LEU E 127 -7.72 20.00 -24.78
C LEU E 127 -8.10 19.37 -23.45
N HIS E 128 -7.92 20.09 -22.35
CA HIS E 128 -8.26 19.55 -21.05
C HIS E 128 -9.76 19.31 -20.92
N MET E 129 -10.58 20.23 -21.44
CA MET E 129 -12.02 20.03 -21.38
C MET E 129 -12.44 18.80 -22.17
N THR E 130 -11.89 18.63 -23.38
CA THR E 130 -12.28 17.46 -24.17
C THR E 130 -11.76 16.17 -23.55
N ALA E 131 -10.57 16.20 -22.96
CA ALA E 131 -10.04 15.02 -22.28
C ALA E 131 -10.90 14.67 -21.06
N LEU E 132 -11.35 15.68 -20.32
CA LEU E 132 -12.25 15.42 -19.20
C LEU E 132 -13.56 14.83 -19.69
N SER E 133 -14.07 15.31 -20.82
CA SER E 133 -15.28 14.72 -21.39
C SER E 133 -15.06 13.25 -21.74
N VAL E 134 -13.92 12.93 -22.35
CA VAL E 134 -13.62 11.55 -22.71
C VAL E 134 -13.53 10.68 -21.46
N GLU E 135 -12.84 11.17 -20.43
CA GLU E 135 -12.71 10.40 -19.20
C GLU E 135 -14.08 10.19 -18.54
N ARG E 136 -14.91 11.23 -18.52
CA ARG E 136 -16.24 11.10 -17.95
C ARG E 136 -17.05 10.07 -18.73
N TYR E 137 -16.98 10.10 -20.05
CA TYR E 137 -17.71 9.11 -20.84
C TYR E 137 -17.22 7.70 -20.54
N LEU E 138 -15.91 7.52 -20.46
CA LEU E 138 -15.37 6.18 -20.21
C LEU E 138 -15.80 5.67 -18.84
N ALA E 139 -15.73 6.52 -17.82
CA ALA E 139 -16.02 6.06 -16.46
C ALA E 139 -17.51 5.95 -16.18
N ILE E 140 -18.35 6.74 -16.85
CA ILE E 140 -19.74 6.90 -16.45
C ILE E 140 -20.63 6.01 -17.31
N CYS E 141 -20.60 6.20 -18.63
CA CYS E 141 -21.41 5.37 -19.51
C CYS E 141 -21.05 3.90 -19.41
N ARG E 142 -19.86 3.59 -18.88
CA ARG E 142 -19.39 2.22 -18.71
C ARG E 142 -18.95 2.04 -17.27
N PRO E 143 -19.89 2.07 -16.32
CA PRO E 143 -19.52 1.91 -14.92
C PRO E 143 -19.02 0.50 -14.63
N LEU E 144 -19.72 -0.51 -15.15
CA LEU E 144 -19.23 -1.87 -15.12
C LEU E 144 -19.35 -2.60 -16.45
N ARG E 145 -19.86 -1.94 -17.49
CA ARG E 145 -19.81 -2.54 -18.82
C ARG E 145 -18.36 -2.80 -19.21
N ALA E 146 -17.49 -1.82 -18.99
CA ALA E 146 -16.07 -1.96 -19.22
C ALA E 146 -15.32 -1.07 -18.25
N ARG E 147 -14.17 -1.55 -17.77
CA ARG E 147 -13.35 -0.81 -16.82
C ARG E 147 -11.96 -0.66 -17.41
N VAL E 148 -11.59 0.58 -17.73
CA VAL E 148 -10.26 0.91 -18.21
C VAL E 148 -9.50 1.51 -17.04
N LEU E 149 -8.52 0.78 -16.53
CA LEU E 149 -7.78 1.23 -15.36
C LEU E 149 -7.12 2.57 -15.63
N VAL E 150 -7.31 3.51 -14.71
CA VAL E 150 -6.79 4.86 -14.84
C VAL E 150 -5.79 5.07 -13.70
N THR E 151 -4.53 5.28 -14.05
CA THR E 151 -3.46 5.46 -13.09
C THR E 151 -3.00 6.92 -13.08
N ARG E 152 -2.37 7.31 -11.98
CA ARG E 152 -1.88 8.68 -11.85
C ARG E 152 -0.82 8.99 -12.89
N ARG E 153 0.06 8.02 -13.17
CA ARG E 153 1.10 8.24 -14.17
C ARG E 153 0.49 8.50 -15.55
N ARG E 154 -0.56 7.75 -15.90
CA ARG E 154 -1.21 7.97 -17.19
C ARG E 154 -1.78 9.38 -17.28
N VAL E 155 -2.41 9.85 -16.21
CA VAL E 155 -3.01 11.18 -16.22
C VAL E 155 -1.92 12.25 -16.33
N ARG E 156 -0.83 12.09 -15.59
CA ARG E 156 0.27 13.06 -15.68
C ARG E 156 0.85 13.10 -17.09
N ALA E 157 1.09 11.92 -17.68
CA ALA E 157 1.64 11.88 -19.03
C ALA E 157 0.67 12.50 -20.03
N LEU E 158 -0.63 12.23 -19.87
CA LEU E 158 -1.62 12.80 -20.76
C LEU E 158 -1.68 14.32 -20.63
N ILE E 159 -1.59 14.83 -19.41
CA ILE E 159 -1.58 16.27 -19.22
C ILE E 159 -0.37 16.88 -19.91
N ALA E 160 0.81 16.27 -19.73
CA ALA E 160 2.01 16.78 -20.36
C ALA E 160 1.88 16.77 -21.88
N VAL E 161 1.38 15.67 -22.44
CA VAL E 161 1.25 15.55 -23.88
C VAL E 161 0.24 16.57 -24.41
N LEU E 162 -0.90 16.73 -23.73
CA LEU E 162 -1.89 17.69 -24.18
C LEU E 162 -1.35 19.11 -24.15
N TRP E 163 -0.63 19.47 -23.08
CA TRP E 163 -0.06 20.82 -23.01
C TRP E 163 1.00 21.02 -24.10
N ALA E 164 1.83 20.02 -24.34
CA ALA E 164 2.83 20.14 -25.41
C ALA E 164 2.16 20.32 -26.76
N VAL E 165 1.10 19.55 -27.02
CA VAL E 165 0.39 19.67 -28.29
C VAL E 165 -0.24 21.06 -28.41
N ALA E 166 -0.83 21.56 -27.32
CA ALA E 166 -1.42 22.88 -27.35
C ALA E 166 -0.38 23.95 -27.66
N LEU E 167 0.78 23.86 -27.01
CA LEU E 167 1.82 24.85 -27.24
C LEU E 167 2.36 24.76 -28.67
N LEU E 168 2.56 23.54 -29.17
CA LEU E 168 3.10 23.39 -30.52
C LEU E 168 2.10 23.82 -31.59
N SER E 169 0.80 23.63 -31.33
CA SER E 169 -0.21 24.13 -32.26
C SER E 169 -0.18 25.64 -32.36
N ALA E 170 0.34 26.32 -31.34
CA ALA E 170 0.60 27.75 -31.40
C ALA E 170 2.02 28.04 -31.90
N GLY E 171 2.75 27.01 -32.34
CA GLY E 171 4.07 27.17 -32.89
C GLY E 171 4.17 28.04 -34.12
N PRO E 172 3.20 28.00 -35.04
CA PRO E 172 3.25 28.96 -36.16
C PRO E 172 3.14 30.39 -35.68
N PHE E 173 2.35 30.64 -34.63
CA PHE E 173 2.34 31.96 -34.03
C PHE E 173 3.64 32.27 -33.30
N LEU E 174 4.51 31.26 -33.11
CA LEU E 174 5.88 31.52 -32.69
C LEU E 174 6.78 31.91 -33.86
N PHE E 175 6.28 31.89 -35.10
CA PHE E 175 7.04 32.39 -36.24
C PHE E 175 6.23 33.27 -37.19
N LEU E 176 4.95 33.54 -36.90
CA LEU E 176 4.10 34.26 -37.86
C LEU E 176 3.24 35.31 -37.18
N VAL E 177 3.82 36.21 -36.39
CA VAL E 177 3.06 37.36 -35.93
C VAL E 177 4.00 38.46 -35.44
N GLY E 178 3.60 39.71 -35.68
CA GLY E 178 4.22 40.86 -35.05
C GLY E 178 5.16 41.66 -35.92
N VAL E 179 4.69 42.79 -36.44
CA VAL E 179 5.56 43.81 -37.03
C VAL E 179 4.94 45.17 -36.74
N GLU E 180 5.63 45.99 -35.95
CA GLU E 180 5.09 47.27 -35.51
C GLU E 180 5.70 48.47 -36.23
N GLN E 181 6.82 48.29 -36.93
CA GLN E 181 7.51 49.41 -37.54
C GLN E 181 6.67 50.00 -38.67
N ASP E 182 6.55 51.33 -38.67
CA ASP E 182 5.82 52.03 -39.72
C ASP E 182 6.78 52.52 -40.80
N ALA E 227 6.87 60.81 -33.70
CA ALA E 227 5.81 60.44 -34.63
C ALA E 227 5.82 58.94 -34.89
N ALA E 228 7.03 58.36 -34.98
CA ALA E 228 7.19 56.93 -35.21
C ALA E 228 6.99 56.09 -33.96
N ALA E 229 6.90 56.71 -32.79
CA ALA E 229 6.72 56.00 -31.53
C ALA E 229 5.44 56.36 -30.81
N LEU E 230 5.03 57.62 -30.85
CA LEU E 230 3.78 58.03 -30.20
C LEU E 230 2.56 57.75 -31.07
N PHE E 231 2.75 57.52 -32.37
CA PHE E 231 1.64 57.24 -33.29
C PHE E 231 2.01 56.09 -34.21
N SER E 232 2.66 55.06 -33.65
CA SER E 232 3.09 53.92 -34.44
C SER E 232 1.91 52.98 -34.73
N ARG E 233 2.12 52.07 -35.67
CA ARG E 233 1.08 51.11 -36.02
C ARG E 233 0.94 50.05 -34.94
N GLU E 234 -0.19 49.35 -34.98
CA GLU E 234 -0.46 48.30 -34.01
C GLU E 234 0.45 47.11 -34.25
N CYS E 235 0.27 46.07 -33.44
CA CYS E 235 1.05 44.85 -33.57
C CYS E 235 0.45 43.97 -34.65
N ARG E 236 0.27 44.53 -35.85
CA ARG E 236 -0.31 43.82 -36.97
C ARG E 236 0.75 42.94 -37.64
N PRO E 237 0.34 41.87 -38.31
CA PRO E 237 1.29 41.11 -39.14
C PRO E 237 1.59 41.84 -40.43
N SER E 238 2.68 41.42 -41.07
CA SER E 238 3.07 42.01 -42.34
C SER E 238 2.04 41.67 -43.40
N PRO E 239 1.86 42.53 -44.42
CA PRO E 239 0.79 42.29 -45.40
C PRO E 239 0.88 40.94 -46.08
N ALA E 240 1.99 40.65 -46.75
CA ALA E 240 2.14 39.37 -47.42
C ALA E 240 2.05 38.22 -46.41
N GLN E 241 2.69 38.39 -45.25
CA GLN E 241 2.64 37.36 -44.23
C GLN E 241 1.20 37.01 -43.85
N LEU E 242 0.28 37.96 -44.00
CA LEU E 242 -1.12 37.67 -43.72
C LEU E 242 -1.54 36.34 -44.33
N GLY E 243 -1.11 36.08 -45.56
CA GLY E 243 -1.40 34.83 -46.21
C GLY E 243 -1.21 33.66 -45.27
N ALA E 244 0.03 33.45 -44.81
CA ALA E 244 0.30 32.35 -43.90
C ALA E 244 -0.66 32.37 -42.72
N LEU E 245 -0.82 33.54 -42.09
CA LEU E 245 -1.70 33.64 -40.93
C LEU E 245 -3.07 33.05 -41.25
N ARG E 246 -3.63 33.42 -42.40
CA ARG E 246 -4.97 32.93 -42.75
C ARG E 246 -5.05 31.42 -42.62
N VAL E 247 -4.07 30.72 -43.19
CA VAL E 247 -4.12 29.26 -43.18
C VAL E 247 -4.25 28.77 -41.75
N MET E 248 -3.41 29.28 -40.85
CA MET E 248 -3.45 28.81 -39.47
C MET E 248 -4.80 29.08 -38.85
N LEU E 249 -5.37 30.26 -39.11
CA LEU E 249 -6.65 30.59 -38.50
C LEU E 249 -7.77 29.68 -38.96
N TRP E 250 -7.55 28.90 -40.01
CA TRP E 250 -8.51 27.87 -40.39
C TRP E 250 -8.17 26.51 -39.78
N VAL E 251 -6.87 26.19 -39.67
CA VAL E 251 -6.49 24.95 -39.01
C VAL E 251 -7.07 24.92 -37.60
N THR E 252 -6.89 26.01 -36.86
CA THR E 252 -7.40 26.10 -35.51
C THR E 252 -8.91 26.01 -35.43
N THR E 253 -9.60 26.21 -36.55
CA THR E 253 -11.05 26.03 -36.55
C THR E 253 -11.41 24.59 -36.16
N ALA E 254 -10.57 23.63 -36.52
CA ALA E 254 -10.81 22.26 -36.08
C ALA E 254 -10.81 22.16 -34.57
N TYR E 255 -9.98 22.96 -33.90
CA TYR E 255 -9.95 22.97 -32.44
C TYR E 255 -11.29 23.40 -31.85
N PHE E 256 -12.16 24.04 -32.65
CA PHE E 256 -13.53 24.27 -32.23
C PHE E 256 -14.40 23.04 -32.49
N PHE E 257 -14.26 22.44 -33.67
CA PHE E 257 -15.13 21.35 -34.06
C PHE E 257 -14.78 20.04 -33.35
N LEU E 258 -13.50 19.82 -33.03
CA LEU E 258 -13.13 18.53 -32.47
C LEU E 258 -13.61 18.38 -31.03
N PRO E 259 -13.34 19.30 -30.10
CA PRO E 259 -13.95 19.19 -28.76
C PRO E 259 -15.46 19.20 -28.81
N PHE E 260 -16.06 20.03 -29.66
CA PHE E 260 -17.51 20.10 -29.73
C PHE E 260 -18.10 18.72 -30.01
N LEU E 261 -17.63 18.07 -31.09
CA LEU E 261 -18.08 16.71 -31.37
C LEU E 261 -17.87 15.81 -30.16
N CYS E 262 -16.73 15.95 -29.48
CA CYS E 262 -16.47 15.17 -28.28
C CYS E 262 -17.49 15.48 -27.20
N LEU E 263 -17.71 16.78 -26.94
CA LEU E 263 -18.54 17.15 -25.80
C LEU E 263 -20.00 16.80 -26.03
N SER E 264 -20.55 17.18 -27.18
CA SER E 264 -21.96 16.96 -27.44
C SER E 264 -22.27 15.48 -27.56
N ILE E 265 -21.45 14.72 -28.28
CA ILE E 265 -21.70 13.30 -28.45
C ILE E 265 -21.53 12.57 -27.13
N LEU E 266 -20.33 12.61 -26.57
CA LEU E 266 -20.03 11.82 -25.38
C LEU E 266 -21.00 12.15 -24.26
N TYR E 267 -21.10 13.42 -23.89
CA TYR E 267 -22.03 13.80 -22.83
C TYR E 267 -23.45 13.42 -23.21
N GLY E 268 -23.81 13.56 -24.49
CA GLY E 268 -25.10 13.05 -24.93
C GLY E 268 -25.32 11.63 -24.44
N LEU E 269 -24.40 10.73 -24.79
CA LEU E 269 -24.50 9.36 -24.33
C LEU E 269 -24.60 9.31 -22.81
N ILE E 270 -23.77 10.10 -22.11
CA ILE E 270 -23.84 10.11 -20.65
C ILE E 270 -25.23 10.55 -20.20
N GLY E 271 -25.76 11.62 -20.78
CA GLY E 271 -27.08 12.06 -20.40
C GLY E 271 -28.14 11.01 -20.67
N ARG E 272 -27.85 10.11 -21.61
CA ARG E 272 -28.77 9.01 -21.89
C ARG E 272 -28.77 7.98 -20.76
N GLU E 273 -27.61 7.75 -20.14
CA GLU E 273 -27.56 6.76 -19.06
C GLU E 273 -28.25 7.28 -17.80
N LEU E 274 -27.99 8.53 -17.43
CA LEU E 274 -28.52 9.08 -16.20
C LEU E 274 -29.97 9.55 -16.32
N TRP E 275 -30.53 9.57 -17.52
CA TRP E 275 -31.96 9.79 -17.70
C TRP E 275 -32.73 8.51 -17.97
N SER E 276 -32.05 7.45 -18.43
CA SER E 276 -32.65 6.13 -18.58
C SER E 276 -32.57 5.32 -17.29
N SER E 277 -32.43 5.99 -16.16
CA SER E 277 -32.39 5.33 -14.85
C SER E 277 -32.96 6.23 -13.77
N GLU E 290 -33.59 9.78 -9.63
CA GLU E 290 -34.01 11.10 -10.10
C GLU E 290 -33.33 12.20 -9.28
N ARG E 291 -33.33 12.03 -7.96
CA ARG E 291 -32.76 13.01 -7.05
C ARG E 291 -31.24 12.88 -7.08
N GLY E 292 -30.62 13.56 -8.04
CA GLY E 292 -29.18 13.52 -8.19
C GLY E 292 -28.78 13.22 -9.62
N HIS E 293 -29.51 12.32 -10.27
CA HIS E 293 -29.32 12.07 -11.69
C HIS E 293 -30.12 13.04 -12.57
N ARG E 294 -30.77 14.03 -11.96
CA ARG E 294 -31.27 15.22 -12.62
C ARG E 294 -30.24 16.33 -12.67
N GLN E 295 -29.67 16.66 -11.52
CA GLN E 295 -28.72 17.77 -11.42
C GLN E 295 -27.51 17.54 -12.31
N THR E 296 -27.06 16.28 -12.40
CA THR E 296 -25.91 15.97 -13.24
C THR E 296 -26.19 16.25 -14.71
N VAL E 297 -27.37 15.86 -15.19
CA VAL E 297 -27.74 16.04 -16.60
C VAL E 297 -28.26 17.43 -16.88
N ARG E 298 -28.46 18.27 -15.85
CA ARG E 298 -28.68 19.68 -16.08
C ARG E 298 -27.39 20.49 -16.08
N VAL E 299 -26.44 20.14 -15.21
CA VAL E 299 -25.13 20.80 -15.29
C VAL E 299 -24.44 20.45 -16.60
N LEU E 300 -24.54 19.20 -17.08
CA LEU E 300 -23.88 18.87 -18.33
C LEU E 300 -24.48 19.65 -19.50
N LEU E 301 -25.81 19.81 -19.54
CA LEU E 301 -26.44 20.63 -20.58
C LEU E 301 -26.01 22.09 -20.50
N VAL E 302 -26.00 22.66 -19.28
CA VAL E 302 -25.58 24.05 -19.15
C VAL E 302 -24.12 24.21 -19.58
N VAL E 303 -23.28 23.23 -19.26
CA VAL E 303 -21.88 23.29 -19.67
C VAL E 303 -21.77 23.29 -21.19
N VAL E 304 -22.54 22.43 -21.86
CA VAL E 304 -22.48 22.38 -23.33
C VAL E 304 -22.95 23.71 -23.92
N LEU E 305 -24.04 24.26 -23.38
CA LEU E 305 -24.54 25.53 -23.91
C LEU E 305 -23.53 26.64 -23.72
N ALA E 306 -22.90 26.71 -22.54
CA ALA E 306 -21.86 27.71 -22.30
C ALA E 306 -20.68 27.51 -23.24
N PHE E 307 -20.29 26.25 -23.48
CA PHE E 307 -19.22 25.97 -24.42
C PHE E 307 -19.53 26.58 -25.77
N ILE E 308 -20.71 26.29 -26.31
CA ILE E 308 -21.03 26.83 -27.64
C ILE E 308 -21.05 28.34 -27.58
N ILE E 309 -21.70 28.93 -26.58
CA ILE E 309 -21.86 30.37 -26.50
C ILE E 309 -20.51 31.06 -26.48
N CYS E 310 -19.57 30.53 -25.70
CA CYS E 310 -18.27 31.18 -25.57
C CYS E 310 -17.39 30.95 -26.79
N TRP E 311 -17.27 29.70 -27.23
CA TRP E 311 -16.23 29.36 -28.20
C TRP E 311 -16.66 29.56 -29.65
N LEU E 312 -17.96 29.52 -29.97
CA LEU E 312 -18.36 29.78 -31.35
C LEU E 312 -18.04 31.20 -31.79
N PRO E 313 -18.45 32.25 -31.07
CA PRO E 313 -18.11 33.61 -31.54
C PRO E 313 -16.62 33.85 -31.64
N PHE E 314 -15.82 33.24 -30.77
CA PHE E 314 -14.37 33.38 -30.86
C PHE E 314 -13.88 33.08 -32.27
N HIS E 315 -14.11 31.84 -32.73
CA HIS E 315 -13.62 31.43 -34.04
C HIS E 315 -14.34 32.14 -35.17
N VAL E 316 -15.66 32.30 -35.04
CA VAL E 316 -16.39 33.03 -36.08
C VAL E 316 -15.71 34.37 -36.32
N GLY E 317 -15.55 35.17 -35.26
CA GLY E 317 -14.92 36.48 -35.37
C GLY E 317 -13.47 36.45 -35.79
N ARG E 318 -12.71 35.43 -35.39
CA ARG E 318 -11.34 35.33 -35.88
C ARG E 318 -11.32 35.24 -37.40
N ILE E 319 -12.20 34.42 -37.98
CA ILE E 319 -12.23 34.30 -39.43
C ILE E 319 -12.80 35.56 -40.09
N ILE E 320 -13.81 36.18 -39.49
CA ILE E 320 -14.32 37.45 -40.03
C ILE E 320 -13.20 38.48 -40.06
N TYR E 321 -12.41 38.55 -38.98
CA TYR E 321 -11.30 39.50 -38.92
C TYR E 321 -10.24 39.17 -39.96
N ILE E 322 -9.98 37.88 -40.21
CA ILE E 322 -9.00 37.54 -41.24
C ILE E 322 -9.56 37.68 -42.64
N ASN E 323 -10.83 38.05 -42.80
CA ASN E 323 -11.33 38.45 -44.12
C ASN E 323 -11.80 39.91 -44.12
N THR E 324 -10.98 40.80 -43.57
CA THR E 324 -11.33 42.23 -43.47
C THR E 324 -10.89 42.99 -44.72
N GLU E 325 -11.56 42.67 -45.84
CA GLU E 325 -11.20 43.30 -47.11
C GLU E 325 -11.69 44.74 -47.19
N ASP E 326 -12.94 44.99 -46.78
CA ASP E 326 -13.56 46.31 -46.93
C ASP E 326 -13.89 46.91 -45.56
N SER E 327 -14.12 48.22 -45.58
CA SER E 327 -14.27 48.97 -44.33
C SER E 327 -15.46 48.49 -43.51
N ARG E 328 -16.58 48.18 -44.16
CA ARG E 328 -17.73 47.71 -43.41
C ARG E 328 -17.45 46.33 -42.81
N MET E 329 -16.63 45.52 -43.49
CA MET E 329 -16.20 44.26 -42.89
C MET E 329 -15.35 44.52 -41.66
N MET E 330 -14.49 45.55 -41.71
CA MET E 330 -13.70 45.90 -40.53
C MET E 330 -14.58 46.36 -39.39
N TYR E 331 -15.61 47.16 -39.68
CA TYR E 331 -16.52 47.60 -38.63
C TYR E 331 -17.24 46.41 -37.99
N PHE E 332 -17.84 45.57 -38.83
CA PHE E 332 -18.51 44.38 -38.33
C PHE E 332 -17.55 43.53 -37.51
N SER E 333 -16.32 43.38 -37.99
CA SER E 333 -15.35 42.52 -37.32
C SER E 333 -14.94 43.11 -35.97
N GLN E 334 -14.67 44.41 -35.92
CA GLN E 334 -14.23 45.00 -34.66
C GLN E 334 -15.31 44.91 -33.60
N TYR E 335 -16.56 45.19 -33.96
CA TYR E 335 -17.61 45.11 -32.94
C TYR E 335 -17.93 43.66 -32.55
N PHE E 336 -18.06 42.78 -33.55
CA PHE E 336 -18.31 41.37 -33.25
C PHE E 336 -17.17 40.77 -32.42
N ASN E 337 -15.93 41.21 -32.65
CA ASN E 337 -14.80 40.67 -31.92
C ASN E 337 -14.68 41.28 -30.53
N ILE E 338 -15.21 42.49 -30.33
CA ILE E 338 -15.43 42.97 -28.97
C ILE E 338 -16.30 41.97 -28.22
N VAL E 339 -17.43 41.61 -28.84
CA VAL E 339 -18.33 40.66 -28.19
C VAL E 339 -17.63 39.32 -27.96
N ALA E 340 -16.83 38.89 -28.94
CA ALA E 340 -16.13 37.61 -28.83
C ALA E 340 -15.12 37.61 -27.70
N LEU E 341 -14.37 38.70 -27.53
CA LEU E 341 -13.44 38.79 -26.40
C LEU E 341 -14.20 38.70 -25.09
N GLN E 342 -15.31 39.44 -24.99
CA GLN E 342 -16.10 39.39 -23.76
C GLN E 342 -16.51 37.95 -23.46
N LEU E 343 -17.01 37.23 -24.46
CA LEU E 343 -17.51 35.88 -24.22
C LEU E 343 -16.37 34.90 -23.92
N PHE E 344 -15.22 35.09 -24.56
CA PHE E 344 -14.08 34.20 -24.31
C PHE E 344 -13.58 34.34 -22.87
N TYR E 345 -13.38 35.57 -22.40
CA TYR E 345 -12.95 35.74 -21.02
C TYR E 345 -14.07 35.37 -20.05
N LEU E 346 -15.33 35.50 -20.47
CA LEU E 346 -16.43 34.94 -19.69
C LEU E 346 -16.30 33.42 -19.57
N SER E 347 -15.86 32.76 -20.64
CA SER E 347 -15.63 31.32 -20.59
C SER E 347 -14.60 31.00 -19.51
N ALA E 348 -13.50 31.74 -19.50
CA ALA E 348 -12.51 31.52 -18.45
C ALA E 348 -13.10 31.77 -17.08
N SER E 349 -13.95 32.79 -16.95
CA SER E 349 -14.57 33.09 -15.66
C SER E 349 -15.47 31.95 -15.19
N ILE E 350 -16.21 31.33 -16.10
CA ILE E 350 -17.24 30.37 -15.71
C ILE E 350 -16.73 28.93 -15.63
N ASN E 351 -15.59 28.62 -16.26
CA ASN E 351 -15.11 27.24 -16.23
C ASN E 351 -15.02 26.66 -14.83
N PRO E 352 -14.42 27.33 -13.84
CA PRO E 352 -14.34 26.69 -12.50
C PRO E 352 -15.68 26.57 -11.82
N ILE E 353 -16.56 27.57 -11.99
CA ILE E 353 -17.90 27.48 -11.42
C ILE E 353 -18.66 26.32 -12.06
N LEU E 354 -18.59 26.20 -13.39
CA LEU E 354 -19.34 25.17 -14.08
C LEU E 354 -18.83 23.78 -13.73
N TYR E 355 -17.51 23.60 -13.67
CA TYR E 355 -16.93 22.27 -13.51
C TYR E 355 -16.59 21.91 -12.07
N ASN E 356 -16.11 22.87 -11.28
CA ASN E 356 -15.64 22.57 -9.92
C ASN E 356 -16.68 22.89 -8.85
N LEU E 357 -17.33 24.05 -8.94
CA LEU E 357 -18.25 24.47 -7.88
C LEU E 357 -19.39 23.48 -7.72
N ILE E 358 -19.95 22.98 -8.82
CA ILE E 358 -21.09 22.08 -8.75
C ILE E 358 -20.73 20.79 -8.02
N SER E 359 -19.46 20.40 -8.03
CA SER E 359 -19.04 19.16 -7.40
C SER E 359 -19.05 19.30 -5.88
N LYS E 360 -19.56 18.26 -5.21
CA LYS E 360 -19.65 18.30 -3.74
C LYS E 360 -18.28 18.28 -3.08
N LYS E 361 -17.31 17.56 -3.68
CA LYS E 361 -15.98 17.48 -3.08
C LYS E 361 -15.33 18.85 -3.01
N TYR E 362 -15.27 19.55 -4.15
CA TYR E 362 -14.65 20.87 -4.19
C TYR E 362 -15.41 21.85 -3.31
N ARG E 363 -16.74 21.80 -3.34
CA ARG E 363 -17.53 22.71 -2.51
C ARG E 363 -17.26 22.48 -1.03
N ALA E 364 -17.18 21.22 -0.60
CA ALA E 364 -16.87 20.94 0.80
C ALA E 364 -15.47 21.42 1.17
N ALA E 365 -14.49 21.16 0.29
CA ALA E 365 -13.13 21.60 0.58
C ALA E 365 -13.07 23.12 0.70
N ALA E 366 -13.82 23.84 -0.14
CA ALA E 366 -13.88 25.30 -0.03
C ALA E 366 -14.54 25.71 1.27
N PHE E 367 -15.65 25.07 1.63
CA PHE E 367 -16.31 25.34 2.89
C PHE E 367 -15.41 25.09 4.08
N LYS E 368 -14.36 24.29 3.91
CA LYS E 368 -13.39 24.04 4.97
C LYS E 368 -12.27 25.07 4.97
N LEU E 369 -11.57 25.21 3.84
CA LEU E 369 -10.40 26.09 3.78
C LEU E 369 -10.78 27.56 3.90
N LEU E 370 -12.05 27.91 3.67
CA LEU E 370 -12.46 29.31 3.63
C LEU E 370 -13.51 29.66 4.66
N LEU E 371 -13.99 28.69 5.44
CA LEU E 371 -14.93 28.96 6.53
C LEU E 371 -14.57 28.14 7.75
C1 CLR F . 3.27 20.50 -16.80
C2 CLR F . 3.73 21.46 -17.89
C3 CLR F . 2.69 22.54 -18.14
C4 CLR F . 2.39 23.27 -16.84
C5 CLR F . 1.98 22.35 -15.73
C6 CLR F . 0.97 22.66 -14.92
C7 CLR F . 0.55 21.88 -13.72
C8 CLR F . 1.53 20.79 -13.32
C9 CLR F . 2.13 20.14 -14.58
C10 CLR F . 2.89 21.17 -15.46
C11 CLR F . 2.93 18.88 -14.24
C12 CLR F . 2.16 17.87 -13.39
C13 CLR F . 1.68 18.51 -12.09
C14 CLR F . 0.83 19.73 -12.48
C15 CLR F . 0.18 20.16 -11.17
C16 CLR F . -0.03 18.84 -10.41
C17 CLR F . 0.60 17.73 -11.31
C18 CLR F . 2.86 18.86 -11.18
C19 CLR F . 4.16 21.71 -14.77
C20 CLR F . 1.01 16.40 -10.60
C21 CLR F . 0.07 15.26 -10.93
C22 CLR F . 1.15 16.54 -9.07
C23 CLR F . 1.70 15.32 -8.35
C24 CLR F . 0.75 14.85 -7.25
C25 CLR F . 1.17 13.58 -6.51
C26 CLR F . 0.61 13.59 -5.09
C27 CLR F . 0.73 12.32 -7.24
O1 CLR F . 3.17 23.40 -19.15
H11 CLR F . 3.97 19.85 -16.64
H12 CLR F . 2.50 20.01 -17.13
H21 CLR F . 3.91 20.97 -18.70
H22 CLR F . 4.57 21.89 -17.63
H3 CLR F . 1.88 22.10 -18.43
H41 CLR F . 1.69 23.94 -16.99
H42 CLR F . 3.18 23.78 -16.59
H6 CLR F . 0.45 23.40 -15.13
H71 CLR F . 0.42 22.49 -12.97
H72 CLR F . -0.32 21.50 -13.88
H8 CLR F . 2.25 21.20 -12.80
H9 CLR F . 1.36 19.86 -15.10
H111 CLR F . 3.75 19.11 -13.77
H112 CLR F . 3.21 18.43 -15.07
H121 CLR F . 2.72 17.12 -13.18
H122 CLR F . 1.42 17.52 -13.92
H14 CLR F . 0.12 19.39 -13.04
H151 CLR F . 0.72 20.79 -10.67
H152 CLR F . -0.67 20.61 -11.34
H161 CLR F . 0.38 18.89 -9.54
H162 CLR F . -0.97 18.66 -10.27
H17 CLR F . -0.06 17.48 -11.96
H181 CLR F . 3.38 19.61 -11.51
H182 CLR F . 3.49 18.11 -11.10
H183 CLR F . 2.57 19.07 -10.29
H191 CLR F . 3.94 22.31 -14.04
H192 CLR F . 4.71 22.21 -15.38
H193 CLR F . 4.70 21.00 -14.39
H20 CLR F . 1.89 16.17 -10.94
H211 CLR F . 0.49 14.61 -11.51
H212 CLR F . -0.74 15.56 -11.38
H213 CLR F . -0.23 14.78 -10.14
H221 CLR F . 0.28 16.78 -8.70
H222 CLR F . 1.73 17.29 -8.87
H231 CLR F . 2.56 15.55 -7.96
H232 CLR F . 1.86 14.60 -8.98
H241 CLR F . -0.14 14.72 -7.62
H242 CLR F . 0.65 15.57 -6.60
H25 CLR F . 2.14 13.58 -6.45
H261 CLR F . 0.97 14.34 -4.57
H262 CLR F . 0.83 12.78 -4.62
H263 CLR F . -0.35 13.68 -5.10
H271 CLR F . 1.08 11.53 -6.79
H272 CLR F . 1.04 12.29 -8.15
H273 CLR F . -0.24 12.24 -7.25
H1 CLR F . 3.91 23.09 -19.43
C10 A1L4H G . -7.89 38.28 -33.66
C11 A1L4H G . -9.38 38.47 -33.71
C12 A1L4H G . -7.15 39.63 -33.58
C13 A1L4H G . -9.74 41.75 -31.60
C14 A1L4H G . -6.06 35.08 -29.36
C20 A1L4H G . -9.01 37.84 -28.09
C26 A1L4H G . -8.33 40.04 -28.86
C27 A1L4H G . -8.03 38.83 -28.20
C28 A1L4H G . -11.40 36.98 -28.53
C29 A1L4H G . -5.07 37.56 -35.14
C30 A1L4H G . -6.15 35.77 -33.96
C34 A1L4H G . -2.52 37.60 -35.51
C07 A1L4H G . -9.18 40.70 -32.60
C08 A1L4H G . -9.84 39.29 -32.48
C09 A1L4H G . -7.70 40.53 -32.43
C15 A1L4H G . -7.50 35.33 -28.80
C16 A1L4H G . -6.82 35.47 -26.74
C17 A1L4H G . -8.65 36.49 -27.35
C18 A1L4H G . -5.38 35.04 -27.14
C19 A1L4H G . -9.60 40.25 -29.41
C21 A1L4H G . -6.15 34.30 -30.67
C22 A1L4H G . -6.23 36.96 -34.63
C23 A1L4H G . -10.29 38.05 -28.64
C24 A1L4H G . -10.48 42.62 -29.30
C25 A1L4H G . -10.58 39.26 -29.28
C31 A1L4H G . -3.82 36.92 -34.95
C32 A1L4H G . -4.91 35.14 -33.78
C33 A1L4H G . -3.75 35.73 -34.28
N04 A1L4H G . -7.42 36.11 -27.70
N05 A1L4H G . -9.93 41.53 -30.10
N06 A1L4H G . -5.35 34.33 -28.41
O01 A1L4H G . -7.49 37.60 -34.81
O02 A1L4H G . -10.05 42.82 -32.04
O03 A1L4H G . -2.86 38.61 -36.42
H101 A1L4H G . -7.63 37.69 -32.77
H111 A1L4H G . -9.86 37.49 -33.67
H112 A1L4H G . -9.64 38.99 -34.63
H122 A1L4H G . -6.10 39.45 -33.41
H121 A1L4H G . -7.29 40.15 -34.52
H141 A1L4H G . -5.56 36.02 -29.53
H261 A1L4H G . -7.57 40.82 -28.96
H271 A1L4H G . -7.06 38.66 -27.79
H282 A1L4H G . -12.37 37.44 -28.74
H281 A1L4H G . -11.40 36.55 -27.53
H283 A1L4H G . -11.21 36.19 -29.26
H291 A1L4H G . -5.13 38.51 -35.66
H301 A1L4H G . -7.05 35.30 -33.57
H342 A1L4H G . -1.96 38.02 -34.69
H341 A1L4H G . -1.91 36.84 -36.01
H071 A1L4H G . -9.35 41.08 -33.61
H082 A1L4H G . -10.95 39.39 -32.48
H081 A1L4H G . -9.49 38.79 -31.59
H092 A1L4H G . -7.21 41.50 -32.45
H091 A1L4H G . -7.50 40.04 -31.46
H152 A1L4H G . -7.95 34.34 -28.54
H151 A1L4H G . -8.10 35.82 -29.58
H162 A1L4H G . -7.40 34.58 -26.47
H161 A1L4H G . -6.74 36.12 -25.86
H172 A1L4H G . -9.35 35.71 -27.63
H171 A1L4H G . -8.70 36.65 -26.28
H182 A1L4H G . -4.75 35.92 -27.22
H181 A1L4H G . -4.99 34.39 -26.37
H212 A1L4H G . -6.52 33.30 -30.48
H211 A1L4H G . -5.17 34.24 -31.12
H213 A1L4H G . -6.84 34.81 -31.36
H243 A1L4H G . -10.23 43.57 -29.76
H242 A1L4H G . -10.04 42.58 -28.29
H241 A1L4H G . -11.56 42.51 -29.23
H251 A1L4H G . -11.56 39.42 -29.71
H321 A1L4H G . -4.85 34.20 -33.26
H331 A1L4H G . -2.77 35.24 -34.13
H061 A1L4H G . -4.44 34.22 -28.68
H031 A1L4H G . -2.18 39.26 -36.45
#